data_8H0C
#
_entry.id   8H0C
#
_cell.length_a   66.104
_cell.length_b   72.888
_cell.length_c   83.899
_cell.angle_alpha   90.000
_cell.angle_beta   101.600
_cell.angle_gamma   90.000
#
_symmetry.space_group_name_H-M   'P 1 21 1'
#
loop_
_entity.id
_entity.type
_entity.pdbx_description
1 polymer 'SGNH/GDSL hydrolase family protein'
2 non-polymer 'ARACHIDONIC ACID'
3 non-polymer 3-PYRIDINIUM-1-YLPROPANE-1-SULFONATE
4 non-polymer 'MAGNESIUM ION'
5 water water
#
_entity_poly.entity_id   1
_entity_poly.type   'polypeptide(L)'
_entity_poly.pdbx_seq_one_letter_code
;MGMMKKTITLLTALLPLASAIAEEPTLSPAMVSAAEVVSAQENQTYTYVRCWYRTSHSKDDAATDWKWAKNQDGSDFTID
GYWWSSVSFKNMFYTNTSQNVIRQRCEETLDLANENADITFFAADNRYSYNHTIWSNDAAMQPDQINKVVALGDSLSDTG
NIFNASQWRFPNPNSWFLGHFSNGFVWTEYVAKAKNLPLYNWAVGGAAGENQYIALTGVGEQVSSYLTYTKLAKNYNPAN
TLFTLEFGLNDFMNYNRSVPEVKADYAEALIRLTDAGAKNFMLMTLPDATKAPQFKYSTQEEIETIRAKVLKMNEFIKAQ
AMYYKAQGYNIALFDTHALFEKLTSAPEEHGFVNASDPCLDINRSSSVDYMYTHSLRSECAASGADKFVFWDVTHPTTAT
HRYVAEKMLESSNNLEEFRFHHHHHH
;
_entity_poly.pdbx_strand_id   A,B
#
loop_
_chem_comp.id
_chem_comp.type
_chem_comp.name
_chem_comp.formula
1PS non-polymer 3-PYRIDINIUM-1-YLPROPANE-1-SULFONATE 'C8 H11 N O3 S'
ACD non-polymer 'ARACHIDONIC ACID' 'C20 H32 O2'
MG non-polymer 'MAGNESIUM ION' 'Mg 2'
#
# COMPACT_ATOMS: atom_id res chain seq x y z
N MET A 31 -14.42 8.82 1.76
CA MET A 31 -13.21 8.05 1.41
C MET A 31 -13.45 6.53 1.62
N VAL A 32 -14.29 6.20 2.62
CA VAL A 32 -14.71 4.85 3.03
C VAL A 32 -16.23 4.97 3.32
N SER A 33 -17.07 4.07 2.73
CA SER A 33 -18.53 4.14 2.99
C SER A 33 -18.86 3.82 4.46
N ALA A 34 -19.98 4.37 4.95
CA ALA A 34 -20.45 4.18 6.33
C ALA A 34 -20.66 2.70 6.66
N ALA A 35 -21.12 1.91 5.67
CA ALA A 35 -21.35 0.46 5.78
C ALA A 35 -20.03 -0.27 5.96
N GLU A 36 -18.98 0.15 5.21
CA GLU A 36 -17.62 -0.42 5.29
C GLU A 36 -17.01 -0.14 6.67
N VAL A 37 -17.27 1.09 7.21
CA VAL A 37 -16.77 1.53 8.52
C VAL A 37 -17.36 0.64 9.64
N VAL A 38 -18.71 0.47 9.65
CA VAL A 38 -19.41 -0.36 10.64
C VAL A 38 -18.85 -1.81 10.63
N SER A 39 -18.81 -2.47 9.45
CA SER A 39 -18.31 -3.85 9.32
C SER A 39 -16.91 -4.02 9.90
N ALA A 40 -15.99 -3.08 9.57
CA ALA A 40 -14.63 -3.06 10.07
C ALA A 40 -14.58 -2.89 11.61
N GLN A 41 -15.33 -1.92 12.17
CA GLN A 41 -15.38 -1.63 13.61
C GLN A 41 -15.99 -2.76 14.44
N GLU A 42 -16.90 -3.53 13.84
CA GLU A 42 -17.56 -4.66 14.51
C GLU A 42 -16.69 -5.93 14.51
N ASN A 43 -15.64 -5.98 13.66
CA ASN A 43 -14.74 -7.14 13.52
C ASN A 43 -13.69 -7.15 14.67
N GLN A 44 -14.19 -7.25 15.91
CA GLN A 44 -13.42 -7.18 17.15
C GLN A 44 -12.54 -8.41 17.40
N THR A 45 -11.29 -8.16 17.82
CA THR A 45 -10.28 -9.18 18.14
C THR A 45 -9.33 -8.60 19.20
N TYR A 46 -8.18 -9.26 19.41
CA TYR A 46 -7.13 -8.80 20.31
C TYR A 46 -5.77 -9.00 19.64
N THR A 47 -4.74 -8.30 20.14
CA THR A 47 -3.36 -8.43 19.66
C THR A 47 -2.39 -8.15 20.82
N TYR A 48 -1.09 -8.36 20.59
CA TYR A 48 -0.04 -8.17 21.59
C TYR A 48 0.73 -6.87 21.33
N VAL A 49 1.61 -6.48 22.27
CA VAL A 49 2.38 -5.23 22.15
C VAL A 49 3.88 -5.50 22.20
N ARG A 50 4.59 -5.07 21.15
CA ARG A 50 6.03 -5.18 21.04
C ARG A 50 6.63 -3.84 21.60
N CYS A 51 7.38 -3.93 22.73
CA CYS A 51 8.04 -2.77 23.38
C CYS A 51 9.50 -2.67 22.89
N TRP A 52 9.84 -1.62 22.16
CA TRP A 52 11.21 -1.41 21.65
C TRP A 52 11.98 -0.44 22.56
N TYR A 53 13.33 -0.55 22.61
CA TYR A 53 14.17 0.29 23.47
C TYR A 53 15.60 0.37 22.97
N ARG A 54 16.30 1.47 23.30
CA ARG A 54 17.72 1.64 22.99
C ARG A 54 18.49 0.76 23.99
N THR A 55 19.37 -0.11 23.48
CA THR A 55 20.12 -1.03 24.36
C THR A 55 21.21 -0.33 25.20
N SER A 56 21.87 0.70 24.63
CA SER A 56 22.92 1.46 25.32
C SER A 56 22.33 2.64 26.13
N HIS A 57 23.12 3.13 27.11
CA HIS A 57 22.75 4.30 27.89
C HIS A 57 23.18 5.57 27.13
N SER A 58 23.95 5.40 26.03
CA SER A 58 24.46 6.49 25.21
C SER A 58 23.70 6.67 23.88
N LYS A 59 23.41 7.93 23.50
CA LYS A 59 22.77 8.24 22.23
C LYS A 59 23.78 8.15 21.05
N ASP A 60 25.07 7.82 21.35
CA ASP A 60 26.10 7.57 20.33
C ASP A 60 25.81 6.21 19.68
N ASP A 61 24.99 5.37 20.35
CA ASP A 61 24.67 4.02 19.90
CA ASP A 61 24.67 4.01 19.93
C ASP A 61 23.18 3.88 19.58
N ALA A 62 22.90 3.76 18.27
CA ALA A 62 21.55 3.68 17.73
C ALA A 62 20.84 2.34 17.93
N ALA A 63 21.59 1.25 18.23
CA ALA A 63 21.04 -0.10 18.35
C ALA A 63 19.85 -0.22 19.32
N THR A 64 18.84 -1.02 18.91
CA THR A 64 17.62 -1.25 19.68
C THR A 64 17.33 -2.75 19.78
N ASP A 65 16.40 -3.12 20.67
CA ASP A 65 15.92 -4.50 20.87
C ASP A 65 14.50 -4.38 21.40
N TRP A 66 13.77 -5.51 21.54
CA TRP A 66 12.39 -5.48 21.99
C TRP A 66 12.02 -6.63 22.92
N LYS A 67 10.89 -6.47 23.63
CA LYS A 67 10.29 -7.49 24.51
C LYS A 67 8.78 -7.36 24.38
N TRP A 68 8.03 -8.46 24.60
CA TRP A 68 6.57 -8.38 24.60
C TRP A 68 6.11 -7.65 25.87
N ALA A 69 5.07 -6.79 25.77
CA ALA A 69 4.52 -6.11 26.96
C ALA A 69 3.88 -7.15 27.88
N LYS A 70 4.04 -6.95 29.20
CA LYS A 70 3.48 -7.85 30.21
C LYS A 70 2.69 -7.06 31.24
N ASN A 71 1.81 -7.76 31.95
CA ASN A 71 1.08 -7.21 33.08
C ASN A 71 1.94 -7.49 34.33
N GLN A 72 1.70 -6.77 35.44
CA GLN A 72 2.43 -6.94 36.72
C GLN A 72 2.51 -8.39 37.21
N ASP A 73 1.45 -9.20 36.97
CA ASP A 73 1.40 -10.61 37.40
C ASP A 73 2.22 -11.57 36.49
N GLY A 74 2.83 -11.04 35.42
CA GLY A 74 3.66 -11.80 34.50
C GLY A 74 2.94 -12.33 33.27
N SER A 75 1.61 -12.15 33.19
CA SER A 75 0.81 -12.59 32.05
C SER A 75 1.03 -11.62 30.87
N ASP A 76 0.76 -12.08 29.63
CA ASP A 76 0.89 -11.29 28.42
C ASP A 76 -0.08 -10.13 28.40
N PHE A 77 0.41 -8.93 28.05
CA PHE A 77 -0.50 -7.81 27.95
C PHE A 77 -1.13 -7.82 26.56
N THR A 78 -2.49 -7.79 26.51
CA THR A 78 -3.18 -7.75 25.21
C THR A 78 -4.04 -6.51 25.12
N ILE A 79 -4.33 -6.09 23.88
CA ILE A 79 -5.24 -4.97 23.62
C ILE A 79 -6.36 -5.45 22.70
N ASP A 80 -7.61 -5.05 22.99
CA ASP A 80 -8.81 -5.34 22.20
C ASP A 80 -9.01 -4.28 21.14
N GLY A 81 -9.55 -4.67 20.00
CA GLY A 81 -9.83 -3.71 18.93
C GLY A 81 -10.02 -4.35 17.57
N TYR A 82 -9.87 -3.56 16.49
CA TYR A 82 -10.06 -3.99 15.10
C TYR A 82 -8.93 -3.53 14.16
N TRP A 83 -8.65 -4.35 13.13
CA TRP A 83 -7.61 -4.06 12.12
C TRP A 83 -8.24 -3.42 10.88
N TRP A 84 -7.49 -2.53 10.23
CA TRP A 84 -7.91 -1.96 8.95
C TRP A 84 -6.72 -1.47 8.16
N SER A 85 -6.79 -1.69 6.84
CA SER A 85 -5.78 -1.25 5.88
C SER A 85 -6.48 -0.83 4.59
N SER A 86 -5.88 0.15 3.88
CA SER A 86 -6.40 0.64 2.60
C SER A 86 -5.70 -0.08 1.45
N LYS A 90 -0.42 -1.56 4.74
CA LYS A 90 -0.24 -0.87 6.03
C LYS A 90 -1.46 -1.04 6.96
N ASN A 91 -1.35 -1.98 7.88
CA ASN A 91 -2.40 -2.30 8.82
C ASN A 91 -2.29 -1.48 10.09
N MET A 92 -3.41 -0.85 10.48
CA MET A 92 -3.46 -0.08 11.71
C MET A 92 -4.38 -0.85 12.66
N PHE A 93 -4.03 -0.89 13.94
CA PHE A 93 -4.86 -1.54 14.94
C PHE A 93 -5.52 -0.41 15.74
N TYR A 94 -6.86 -0.44 15.84
CA TYR A 94 -7.67 0.56 16.53
C TYR A 94 -8.17 0.03 17.84
N THR A 95 -7.74 0.65 18.96
CA THR A 95 -8.10 0.20 20.31
C THR A 95 -8.71 1.31 21.18
N ASN A 96 -9.48 0.92 22.23
CA ASN A 96 -10.06 1.84 23.22
C ASN A 96 -9.00 2.16 24.29
N THR A 97 -7.93 1.32 24.39
CA THR A 97 -6.85 1.49 25.37
C THR A 97 -6.03 2.73 25.00
N SER A 98 -5.77 3.63 25.98
CA SER A 98 -5.02 4.86 25.74
C SER A 98 -3.53 4.59 25.49
N GLN A 99 -2.84 5.51 24.80
CA GLN A 99 -1.41 5.42 24.53
C GLN A 99 -0.60 5.44 25.83
N ASN A 100 -1.05 6.22 26.86
CA ASN A 100 -0.40 6.30 28.17
C ASN A 100 -0.40 4.97 28.91
N VAL A 101 -1.52 4.23 28.88
CA VAL A 101 -1.62 2.91 29.50
C VAL A 101 -0.65 1.93 28.80
N ILE A 102 -0.61 1.93 27.45
CA ILE A 102 0.28 1.05 26.69
C ILE A 102 1.75 1.39 27.01
N ARG A 103 2.09 2.69 27.03
CA ARG A 103 3.43 3.20 27.36
C ARG A 103 3.87 2.74 28.77
N GLN A 104 2.97 2.86 29.74
CA GLN A 104 3.19 2.47 31.14
C GLN A 104 3.49 0.97 31.25
N ARG A 105 2.76 0.14 30.48
CA ARG A 105 2.99 -1.32 30.45
C ARG A 105 4.39 -1.64 29.89
N CYS A 106 4.85 -0.90 28.87
CA CYS A 106 6.18 -1.09 28.29
C CYS A 106 7.28 -0.68 29.29
N GLU A 107 7.13 0.50 29.92
CA GLU A 107 8.06 1.02 30.94
C GLU A 107 8.23 0.03 32.10
N GLU A 108 7.11 -0.51 32.61
CA GLU A 108 7.12 -1.48 33.70
C GLU A 108 7.70 -2.82 33.28
N THR A 109 7.38 -3.32 32.06
CA THR A 109 7.90 -4.59 31.54
C THR A 109 9.41 -4.54 31.37
N LEU A 110 9.91 -3.49 30.69
CA LEU A 110 11.34 -3.31 30.41
C LEU A 110 12.18 -3.04 31.67
N ASP A 111 11.64 -2.26 32.62
CA ASP A 111 12.25 -1.94 33.92
C ASP A 111 13.75 -1.54 33.78
N LEU A 112 14.00 -0.58 32.92
CA LEU A 112 15.33 -0.10 32.59
C LEU A 112 15.57 1.14 33.42
N ALA A 113 16.78 1.37 33.82
CA ALA A 113 17.08 2.56 34.57
C ALA A 113 17.85 3.45 33.58
N ASN A 114 17.44 3.43 32.31
CA ASN A 114 18.08 4.16 31.22
C ASN A 114 17.29 5.42 30.84
N GLU A 115 17.91 6.60 31.02
CA GLU A 115 17.30 7.87 30.67
C GLU A 115 17.19 8.01 29.14
N ASN A 116 18.02 7.25 28.41
CA ASN A 116 18.03 7.27 26.96
C ASN A 116 17.35 6.04 26.34
N ALA A 117 16.51 5.29 27.14
CA ALA A 117 15.78 4.12 26.69
C ALA A 117 14.97 4.41 25.41
N ASP A 118 14.37 5.60 25.32
CA ASP A 118 13.63 6.08 24.16
C ASP A 118 12.63 5.03 23.64
N ILE A 119 11.77 4.56 24.54
CA ILE A 119 10.78 3.51 24.29
C ILE A 119 9.74 3.88 23.25
N THR A 120 9.47 2.96 22.30
CA THR A 120 8.39 3.04 21.31
C THR A 120 7.68 1.67 21.32
N PHE A 121 6.41 1.62 20.86
CA PHE A 121 5.62 0.39 20.89
C PHE A 121 4.75 0.23 19.66
N PHE A 122 4.40 -1.03 19.32
CA PHE A 122 3.59 -1.41 18.15
C PHE A 122 2.73 -2.61 18.45
N ALA A 123 1.66 -2.81 17.64
CA ALA A 123 0.80 -4.02 17.72
C ALA A 123 1.47 -5.13 16.90
N ALA A 124 1.38 -6.38 17.38
CA ALA A 124 1.94 -7.55 16.70
C ALA A 124 1.31 -8.83 17.25
N ASP A 125 0.82 -9.70 16.35
CA ASP A 125 0.21 -10.98 16.73
C ASP A 125 1.25 -11.99 17.20
N ASN A 126 2.47 -11.98 16.58
CA ASN A 126 3.54 -12.93 16.91
C ASN A 126 4.92 -12.47 16.39
N ARG A 127 5.94 -13.36 16.51
CA ARG A 127 7.32 -13.11 16.08
C ARG A 127 7.48 -12.77 14.60
N TYR A 128 6.55 -13.22 13.73
CA TYR A 128 6.59 -12.98 12.30
C TYR A 128 6.03 -11.60 11.92
N SER A 129 5.21 -10.99 12.80
CA SER A 129 4.54 -9.74 12.49
C SER A 129 5.45 -8.54 12.29
N TYR A 130 5.02 -7.62 11.40
CA TYR A 130 5.69 -6.35 11.18
C TYR A 130 5.30 -5.39 12.33
N ASN A 131 5.93 -4.21 12.43
CA ASN A 131 5.60 -3.23 13.46
C ASN A 131 4.36 -2.41 13.04
N HIS A 132 3.17 -2.75 13.58
CA HIS A 132 1.92 -2.04 13.25
C HIS A 132 1.60 -0.92 14.22
N THR A 133 1.25 0.25 13.68
CA THR A 133 0.88 1.41 14.51
C THR A 133 -0.45 1.13 15.23
N ILE A 134 -0.54 1.52 16.51
CA ILE A 134 -1.74 1.39 17.32
C ILE A 134 -2.39 2.80 17.36
N TRP A 135 -3.65 2.91 16.93
CA TRP A 135 -4.44 4.13 17.01
C TRP A 135 -5.36 4.02 18.25
N SER A 136 -5.23 4.94 19.22
CA SER A 136 -6.12 4.91 20.40
C SER A 136 -7.32 5.78 20.11
N ASN A 137 -8.51 5.14 20.00
CA ASN A 137 -9.77 5.83 19.72
C ASN A 137 -10.14 6.81 20.82
N ASP A 138 -10.64 7.99 20.43
CA ASP A 138 -11.07 9.02 21.37
C ASP A 138 -12.42 8.69 21.99
N ALA A 139 -12.71 9.32 23.15
CA ALA A 139 -13.99 9.19 23.85
C ALA A 139 -15.02 10.09 23.16
N ALA A 140 -16.30 9.74 23.27
CA ALA A 140 -17.40 10.50 22.68
C ALA A 140 -17.50 11.90 23.28
N MET A 141 -17.30 12.00 24.60
CA MET A 141 -17.37 13.27 25.34
C MET A 141 -15.96 13.81 25.59
N GLN A 142 -15.31 14.26 24.50
CA GLN A 142 -13.96 14.82 24.58
C GLN A 142 -14.02 16.35 24.69
N PRO A 143 -13.16 16.95 25.56
CA PRO A 143 -13.14 18.43 25.66
C PRO A 143 -12.54 19.08 24.41
N ASP A 144 -12.87 20.37 24.17
CA ASP A 144 -12.33 21.11 23.02
C ASP A 144 -10.88 21.51 23.34
N GLN A 145 -9.94 20.58 23.08
CA GLN A 145 -8.50 20.74 23.30
C GLN A 145 -7.72 19.74 22.44
N ILE A 146 -6.49 20.08 22.07
CA ILE A 146 -5.62 19.21 21.27
C ILE A 146 -5.39 17.92 22.07
N ASN A 147 -5.59 16.76 21.42
CA ASN A 147 -5.40 15.47 22.10
C ASN A 147 -4.50 14.49 21.31
N LYS A 148 -3.97 14.93 20.14
CA LYS A 148 -3.08 14.11 19.31
C LYS A 148 -2.33 14.99 18.33
N VAL A 149 -1.18 14.48 17.87
CA VAL A 149 -0.36 15.12 16.85
C VAL A 149 -0.35 14.24 15.58
N VAL A 150 -0.62 14.85 14.43
CA VAL A 150 -0.58 14.18 13.13
C VAL A 150 0.53 14.86 12.33
N ALA A 151 1.56 14.07 11.92
CA ALA A 151 2.71 14.60 11.18
C ALA A 151 2.74 14.28 9.69
N LEU A 152 3.04 15.31 8.88
CA LEU A 152 3.19 15.17 7.41
C LEU A 152 4.53 15.77 7.03
N GLY A 153 5.21 15.12 6.10
CA GLY A 153 6.51 15.59 5.66
C GLY A 153 7.45 14.54 5.12
N ASP A 154 8.74 14.74 5.39
CA ASP A 154 9.80 13.90 4.87
C ASP A 154 10.65 13.24 5.98
N SER A 155 11.96 12.96 5.73
CA SER A 155 12.84 12.28 6.72
C SER A 155 13.08 13.10 7.96
N LEU A 156 12.84 14.42 7.89
CA LEU A 156 12.93 15.27 9.06
C LEU A 156 11.82 14.96 10.08
N SER A 157 10.74 14.25 9.68
CA SER A 157 9.64 13.89 10.60
C SER A 157 9.35 12.38 10.63
N ASP A 158 9.98 11.60 9.76
CA ASP A 158 9.71 10.17 9.67
C ASP A 158 10.12 9.39 10.94
N THR A 159 9.21 8.54 11.45
CA THR A 159 9.46 7.71 12.66
C THR A 159 9.56 6.20 12.37
N GLY A 160 9.67 5.83 11.11
CA GLY A 160 9.88 4.43 10.75
C GLY A 160 9.00 3.87 9.66
N ASN A 161 8.36 4.75 8.85
CA ASN A 161 7.42 4.32 7.81
C ASN A 161 7.99 3.37 6.74
N ILE A 162 9.31 3.40 6.52
CA ILE A 162 9.98 2.57 5.51
C ILE A 162 10.51 1.24 6.08
N PHE A 163 10.64 1.18 7.40
CA PHE A 163 11.34 0.10 8.08
C PHE A 163 10.68 -1.31 7.91
N ASN A 164 9.30 -1.43 7.89
CA ASN A 164 8.64 -2.74 7.62
C ASN A 164 8.87 -3.17 6.16
N ALA A 165 8.79 -2.20 5.24
CA ALA A 165 8.99 -2.46 3.80
C ALA A 165 10.39 -2.98 3.48
N SER A 166 11.42 -2.60 4.31
CA SER A 166 12.83 -3.01 4.12
C SER A 166 13.17 -4.29 4.91
N GLN A 167 12.15 -4.97 5.47
CA GLN A 167 12.33 -6.15 6.34
C GLN A 167 13.25 -5.83 7.53
N TRP A 168 13.18 -4.57 8.02
CA TRP A 168 13.96 -4.05 9.16
C TRP A 168 15.49 -4.01 8.90
N ARG A 169 15.90 -3.88 7.63
CA ARG A 169 17.33 -3.87 7.22
C ARG A 169 17.81 -2.46 6.79
N PHE A 170 16.87 -1.57 6.46
CA PHE A 170 17.14 -0.20 6.02
C PHE A 170 16.22 0.84 6.73
N PRO A 171 16.76 1.97 7.26
CA PRO A 171 18.21 2.20 7.44
C PRO A 171 18.72 1.16 8.45
N ASN A 172 19.99 0.70 8.30
CA ASN A 172 20.60 -0.34 9.13
C ASN A 172 20.32 -0.06 10.63
N PRO A 173 19.61 -0.97 11.36
CA PRO A 173 19.24 -0.68 12.77
C PRO A 173 20.40 -0.61 13.76
N ASN A 174 21.67 -0.78 13.34
CA ASN A 174 22.83 -0.62 14.24
C ASN A 174 23.37 0.82 14.22
N SER A 175 23.14 1.56 13.12
CA SER A 175 23.63 2.94 12.97
C SER A 175 22.53 4.00 12.81
N TRP A 176 21.28 3.58 12.69
CA TRP A 176 20.12 4.49 12.62
C TRP A 176 19.08 3.96 13.60
N PHE A 177 18.46 4.86 14.36
CA PHE A 177 17.54 4.47 15.43
C PHE A 177 16.19 3.94 14.96
N LEU A 178 16.02 2.61 14.96
CA LEU A 178 14.77 1.90 14.59
C LEU A 178 13.88 2.61 13.52
N GLY A 179 14.38 2.65 12.29
CA GLY A 179 13.64 3.25 11.18
C GLY A 179 13.65 4.77 11.14
N HIS A 180 14.20 5.47 12.18
CA HIS A 180 14.32 6.95 12.19
C HIS A 180 15.65 7.27 11.48
N PHE A 181 15.68 8.29 10.61
CA PHE A 181 16.93 8.67 9.97
C PHE A 181 17.68 9.66 10.88
N SER A 182 18.14 9.14 12.03
CA SER A 182 18.87 9.85 13.08
C SER A 182 19.36 8.81 14.12
N ASN A 183 20.01 9.27 15.22
CA ASN A 183 20.47 8.40 16.33
C ASN A 183 19.45 8.34 17.46
N GLY A 184 18.28 8.94 17.23
CA GLY A 184 17.18 8.95 18.18
C GLY A 184 15.91 9.56 17.60
N PHE A 185 15.07 10.10 18.50
CA PHE A 185 13.80 10.73 18.17
C PHE A 185 13.97 11.95 17.26
N VAL A 186 12.95 12.20 16.45
CA VAL A 186 12.85 13.38 15.56
C VAL A 186 12.09 14.52 16.28
N TRP A 187 12.12 15.77 15.73
CA TRP A 187 11.49 16.94 16.38
C TRP A 187 10.01 16.72 16.75
N THR A 188 9.21 16.06 15.89
CA THR A 188 7.78 15.81 16.17
C THR A 188 7.57 14.96 17.41
N GLU A 189 8.43 13.95 17.62
CA GLU A 189 8.34 13.09 18.83
C GLU A 189 8.68 13.89 20.08
N TYR A 190 9.66 14.82 20.00
CA TYR A 190 9.97 15.67 21.16
C TYR A 190 8.82 16.64 21.48
N VAL A 191 8.18 17.20 20.42
CA VAL A 191 7.02 18.10 20.58
C VAL A 191 5.85 17.34 21.26
N ALA A 192 5.44 16.19 20.68
CA ALA A 192 4.38 15.32 21.21
C ALA A 192 4.64 14.92 22.69
N LYS A 193 5.89 14.53 23.02
CA LYS A 193 6.29 14.16 24.39
C LYS A 193 6.22 15.31 25.38
N ALA A 194 6.65 16.52 24.95
CA ALA A 194 6.61 17.73 25.79
C ALA A 194 5.17 18.03 26.22
N LYS A 195 4.19 17.68 25.36
CA LYS A 195 2.78 17.92 25.60
C LYS A 195 2.02 16.67 26.06
N ASN A 196 2.72 15.54 26.26
CA ASN A 196 2.17 14.22 26.65
C ASN A 196 1.06 13.74 25.68
N LEU A 197 1.29 13.91 24.37
CA LEU A 197 0.31 13.56 23.35
C LEU A 197 0.75 12.40 22.47
N PRO A 198 -0.19 11.56 21.97
CA PRO A 198 0.18 10.55 20.97
C PRO A 198 0.54 11.23 19.65
N LEU A 199 1.41 10.58 18.89
CA LEU A 199 1.86 11.08 17.61
C LEU A 199 1.56 10.02 16.56
N TYR A 200 0.91 10.42 15.46
CA TYR A 200 0.59 9.51 14.34
C TYR A 200 1.26 10.09 13.12
N ASN A 201 2.12 9.29 12.47
CA ASN A 201 2.98 9.75 11.40
C ASN A 201 2.68 9.23 10.00
N TRP A 202 2.66 10.18 9.07
CA TRP A 202 2.50 9.87 7.66
C TRP A 202 3.76 10.28 6.87
N ALA A 203 4.75 10.94 7.52
CA ALA A 203 5.99 11.42 6.88
C ALA A 203 6.96 10.33 6.43
N VAL A 204 7.60 10.55 5.27
CA VAL A 204 8.60 9.69 4.61
C VAL A 204 9.32 10.53 3.54
N GLY A 205 10.66 10.46 3.55
CA GLY A 205 11.53 11.23 2.66
C GLY A 205 12.00 10.50 1.41
N GLY A 206 13.08 11.01 0.82
CA GLY A 206 13.63 10.44 -0.40
C GLY A 206 15.14 10.49 -0.56
N ALA A 207 15.84 11.30 0.27
CA ALA A 207 17.30 11.49 0.17
C ALA A 207 18.14 10.22 0.45
N ALA A 208 17.54 9.23 1.13
CA ALA A 208 18.24 7.99 1.49
C ALA A 208 17.89 6.81 0.57
N GLY A 209 17.10 7.05 -0.48
CA GLY A 209 16.67 5.97 -1.37
C GLY A 209 15.39 5.28 -0.89
N GLU A 210 14.59 5.98 -0.05
CA GLU A 210 13.31 5.47 0.49
C GLU A 210 12.34 4.99 -0.61
N ASN A 211 12.34 5.65 -1.79
CA ASN A 211 11.46 5.28 -2.90
C ASN A 211 11.84 3.98 -3.62
N GLN A 212 12.91 3.29 -3.20
CA GLN A 212 13.24 1.97 -3.73
C GLN A 212 12.45 0.94 -2.87
N TYR A 213 11.78 1.39 -1.78
CA TYR A 213 11.04 0.52 -0.85
C TYR A 213 9.53 0.75 -0.83
N ILE A 214 9.07 1.99 -0.97
CA ILE A 214 7.64 2.28 -1.06
C ILE A 214 7.40 3.41 -2.07
N ALA A 215 6.23 3.35 -2.68
CA ALA A 215 5.71 4.35 -3.59
C ALA A 215 4.69 5.12 -2.74
N LEU A 216 4.14 6.20 -3.31
CA LEU A 216 3.13 7.06 -2.67
C LEU A 216 3.72 7.74 -1.42
N THR A 217 4.81 8.51 -1.62
CA THR A 217 5.53 9.24 -0.57
C THR A 217 5.24 10.76 -0.58
N GLY A 218 4.60 11.26 -1.63
CA GLY A 218 4.22 12.66 -1.81
C GLY A 218 3.26 13.16 -0.74
N VAL A 219 3.22 14.49 -0.54
CA VAL A 219 2.35 15.11 0.47
C VAL A 219 0.85 14.84 0.21
N GLY A 220 0.43 14.83 -1.07
CA GLY A 220 -0.95 14.55 -1.48
C GLY A 220 -1.34 13.12 -1.16
N GLU A 221 -0.39 12.19 -1.29
CA GLU A 221 -0.58 10.78 -0.98
C GLU A 221 -0.69 10.62 0.54
N GLN A 222 0.05 11.44 1.30
CA GLN A 222 0.04 11.44 2.77
C GLN A 222 -1.31 11.96 3.30
N VAL A 223 -1.78 13.11 2.78
CA VAL A 223 -3.11 13.66 3.15
C VAL A 223 -4.25 12.65 2.84
N SER A 224 -4.18 11.96 1.65
CA SER A 224 -5.14 10.94 1.22
C SER A 224 -5.18 9.78 2.17
N SER A 225 -3.97 9.32 2.56
CA SER A 225 -3.82 8.20 3.50
C SER A 225 -4.38 8.61 4.88
N TYR A 226 -4.10 9.84 5.34
CA TYR A 226 -4.62 10.33 6.63
C TYR A 226 -6.18 10.35 6.62
N LEU A 227 -6.78 10.89 5.54
CA LEU A 227 -8.23 11.01 5.37
C LEU A 227 -8.94 9.66 5.34
N THR A 228 -8.31 8.64 4.73
CA THR A 228 -8.83 7.29 4.63
C THR A 228 -8.82 6.57 6.00
N TYR A 229 -7.65 6.53 6.66
CA TYR A 229 -7.49 5.86 7.96
C TYR A 229 -8.29 6.50 9.11
N THR A 230 -8.53 7.83 9.05
CA THR A 230 -9.31 8.47 10.12
C THR A 230 -10.81 8.22 9.99
N LYS A 231 -11.30 7.74 8.82
CA LYS A 231 -12.74 7.42 8.66
C LYS A 231 -13.06 6.17 9.45
N LEU A 232 -12.02 5.34 9.72
CA LEU A 232 -12.16 4.11 10.50
C LEU A 232 -12.05 4.36 11.99
N ALA A 233 -11.55 5.54 12.40
CA ALA A 233 -11.45 5.91 13.82
C ALA A 233 -12.85 6.17 14.42
N LYS A 234 -13.03 5.96 15.73
CA LYS A 234 -14.29 6.25 16.42
C LYS A 234 -14.18 7.62 17.10
N ASN A 235 -15.30 8.39 17.09
CA ASN A 235 -15.44 9.72 17.74
C ASN A 235 -14.30 10.69 17.32
N TYR A 236 -13.85 10.56 16.07
CA TYR A 236 -12.78 11.41 15.58
C TYR A 236 -13.26 12.83 15.24
N ASN A 237 -12.71 13.82 15.97
CA ASN A 237 -12.97 15.23 15.74
C ASN A 237 -11.67 15.86 15.21
N PRO A 238 -11.57 16.20 13.91
CA PRO A 238 -10.30 16.76 13.38
C PRO A 238 -9.85 18.07 14.02
N ALA A 239 -10.79 18.81 14.67
CA ALA A 239 -10.50 20.08 15.36
C ALA A 239 -9.57 19.90 16.56
N ASN A 240 -9.49 18.66 17.12
CA ASN A 240 -8.62 18.34 18.27
C ASN A 240 -7.24 17.74 17.88
N THR A 241 -6.88 17.84 16.60
CA THR A 241 -5.60 17.35 16.11
C THR A 241 -4.64 18.52 15.85
N LEU A 242 -3.39 18.41 16.35
CA LEU A 242 -2.35 19.38 16.01
C LEU A 242 -1.63 18.79 14.78
N PHE A 243 -1.73 19.47 13.64
CA PHE A 243 -1.06 19.01 12.41
C PHE A 243 0.33 19.65 12.29
N THR A 244 1.36 18.84 11.96
CA THR A 244 2.70 19.39 11.69
C THR A 244 2.97 19.13 10.19
N LEU A 245 3.55 20.10 9.49
CA LEU A 245 3.83 19.94 8.07
C LEU A 245 5.17 20.57 7.72
N GLU A 246 6.15 19.80 7.24
CA GLU A 246 7.42 20.37 6.76
C GLU A 246 7.64 19.69 5.43
N PHE A 247 7.53 20.43 4.32
CA PHE A 247 7.57 19.79 3.02
C PHE A 247 8.29 20.62 1.96
N GLY A 248 9.01 19.94 1.06
CA GLY A 248 9.65 20.61 -0.08
C GLY A 248 11.10 20.25 -0.36
N LEU A 249 11.84 19.85 0.68
CA LEU A 249 13.25 19.49 0.52
C LEU A 249 13.47 18.24 -0.32
N ASN A 250 12.62 17.21 -0.14
CA ASN A 250 12.69 15.95 -0.91
C ASN A 250 12.56 16.28 -2.41
N ASP A 251 11.51 17.02 -2.75
CA ASP A 251 11.20 17.47 -4.10
C ASP A 251 12.33 18.28 -4.73
N PHE A 252 12.92 19.27 -4.02
CA PHE A 252 14.06 20.07 -4.56
C PHE A 252 15.38 19.30 -4.63
N MET A 253 15.72 18.53 -3.58
CA MET A 253 16.98 17.76 -3.56
C MET A 253 17.01 16.54 -4.47
N ASN A 254 15.96 15.70 -4.40
CA ASN A 254 15.93 14.40 -5.09
C ASN A 254 15.23 14.36 -6.45
N TYR A 255 14.19 15.19 -6.66
CA TYR A 255 13.43 15.12 -7.90
C TYR A 255 13.55 16.34 -8.81
N ASN A 256 14.41 17.32 -8.45
CA ASN A 256 14.65 18.56 -9.21
C ASN A 256 13.31 19.23 -9.63
N ARG A 257 12.32 19.24 -8.71
CA ARG A 257 11.00 19.81 -9.01
C ARG A 257 11.03 21.33 -9.02
N SER A 258 10.17 21.96 -9.87
CA SER A 258 10.10 23.40 -9.95
C SER A 258 9.47 23.99 -8.67
N VAL A 259 9.79 25.26 -8.38
CA VAL A 259 9.24 25.99 -7.23
C VAL A 259 7.69 26.06 -7.35
N PRO A 260 7.08 26.46 -8.52
CA PRO A 260 5.61 26.49 -8.57
C PRO A 260 4.90 25.16 -8.32
N GLU A 261 5.48 24.03 -8.77
CA GLU A 261 4.78 22.77 -8.51
C GLU A 261 4.85 22.36 -7.03
N VAL A 262 5.92 22.74 -6.32
CA VAL A 262 6.04 22.45 -4.87
C VAL A 262 5.12 23.38 -4.08
N LYS A 263 5.07 24.69 -4.46
CA LYS A 263 4.14 25.66 -3.87
C LYS A 263 2.69 25.19 -3.99
N ALA A 264 2.29 24.71 -5.20
CA ALA A 264 0.94 24.22 -5.50
C ALA A 264 0.56 22.98 -4.68
N ASP A 265 1.51 22.06 -4.52
CA ASP A 265 1.27 20.86 -3.69
C ASP A 265 1.10 21.22 -2.21
N TYR A 266 1.89 22.21 -1.72
CA TYR A 266 1.83 22.67 -0.31
C TYR A 266 0.47 23.34 -0.05
N ALA A 267 0.04 24.27 -0.94
CA ALA A 267 -1.26 24.95 -0.85
C ALA A 267 -2.40 23.92 -0.91
N GLU A 268 -2.29 22.93 -1.81
CA GLU A 268 -3.30 21.87 -1.94
C GLU A 268 -3.46 21.04 -0.64
N ALA A 269 -2.34 20.74 0.06
CA ALA A 269 -2.41 19.97 1.33
C ALA A 269 -3.18 20.74 2.38
N LEU A 270 -2.94 22.08 2.50
CA LEU A 270 -3.62 22.94 3.47
C LEU A 270 -5.11 23.11 3.13
N ILE A 271 -5.45 23.23 1.81
CA ILE A 271 -6.84 23.31 1.34
C ILE A 271 -7.60 22.01 1.73
N ARG A 272 -7.02 20.84 1.40
CA ARG A 272 -7.64 19.53 1.69
C ARG A 272 -7.81 19.31 3.19
N LEU A 273 -6.78 19.62 3.99
CA LEU A 273 -6.86 19.44 5.44
C LEU A 273 -7.90 20.37 6.09
N THR A 274 -7.89 21.68 5.74
CA THR A 274 -8.86 22.64 6.31
C THR A 274 -10.29 22.33 5.86
N ASP A 275 -10.48 21.86 4.61
CA ASP A 275 -11.81 21.46 4.13
C ASP A 275 -12.33 20.21 4.84
N ALA A 276 -11.43 19.39 5.39
CA ALA A 276 -11.75 18.17 6.13
C ALA A 276 -11.77 18.39 7.65
N GLY A 277 -11.94 19.65 8.09
CA GLY A 277 -12.07 20.02 9.49
C GLY A 277 -10.83 20.39 10.30
N ALA A 278 -9.62 20.44 9.69
CA ALA A 278 -8.40 20.81 10.43
C ALA A 278 -8.40 22.28 10.84
N LYS A 279 -8.00 22.56 12.10
CA LYS A 279 -7.99 23.92 12.65
C LYS A 279 -6.64 24.39 13.19
N ASN A 280 -5.74 23.43 13.54
CA ASN A 280 -4.48 23.70 14.22
C ASN A 280 -3.25 23.18 13.50
N PHE A 281 -2.31 24.08 13.18
CA PHE A 281 -1.11 23.73 12.44
C PHE A 281 0.17 24.34 13.00
N MET A 282 1.24 23.54 12.99
CA MET A 282 2.60 23.97 13.26
C MET A 282 3.26 23.97 11.87
N LEU A 283 3.54 25.14 11.34
CA LEU A 283 4.16 25.29 10.02
C LEU A 283 5.58 25.79 10.21
N MET A 284 6.47 25.47 9.27
CA MET A 284 7.86 25.88 9.40
C MET A 284 8.54 26.16 8.09
N THR A 285 9.48 27.12 8.10
CA THR A 285 10.28 27.40 6.92
C THR A 285 11.32 26.27 6.78
N LEU A 286 11.83 26.07 5.57
CA LEU A 286 12.78 25.01 5.31
C LEU A 286 14.22 25.43 5.60
N PRO A 287 15.01 24.62 6.35
CA PRO A 287 16.44 24.96 6.54
C PRO A 287 17.17 24.80 5.20
N ASP A 288 18.25 25.56 5.03
CA ASP A 288 19.03 25.47 3.79
C ASP A 288 19.77 24.12 3.79
N ALA A 289 19.16 23.10 3.17
CA ALA A 289 19.68 21.74 3.04
C ALA A 289 21.09 21.66 2.40
N THR A 290 21.49 22.69 1.60
CA THR A 290 22.81 22.72 0.98
C THR A 290 23.96 22.87 1.99
N LYS A 291 23.64 23.13 3.28
CA LYS A 291 24.63 23.25 4.35
C LYS A 291 24.99 21.85 4.88
N ALA A 292 24.25 20.81 4.48
CA ALA A 292 24.49 19.41 4.92
C ALA A 292 25.79 18.83 4.32
N PRO A 293 26.48 17.89 5.05
CA PRO A 293 27.74 17.30 4.52
C PRO A 293 27.73 16.69 3.11
N GLN A 294 26.59 16.11 2.67
CA GLN A 294 26.51 15.51 1.32
C GLN A 294 26.82 16.51 0.21
N PHE A 295 26.53 17.83 0.42
CA PHE A 295 26.80 18.85 -0.59
C PHE A 295 28.31 19.18 -0.73
N LYS A 296 29.19 18.58 0.11
CA LYS A 296 30.65 18.71 -0.07
C LYS A 296 31.00 18.09 -1.42
N TYR A 297 30.20 17.07 -1.82
CA TYR A 297 30.39 16.26 -3.02
C TYR A 297 29.50 16.70 -4.19
N SER A 298 28.77 17.83 -4.06
CA SER A 298 27.96 18.37 -5.15
C SER A 298 28.67 19.57 -5.76
N THR A 299 28.37 19.89 -7.02
CA THR A 299 28.95 21.05 -7.69
C THR A 299 28.27 22.33 -7.18
N GLN A 300 28.98 23.47 -7.29
CA GLN A 300 28.51 24.79 -6.88
C GLN A 300 27.18 25.16 -7.60
N GLU A 301 27.07 24.85 -8.89
CA GLU A 301 25.87 25.07 -9.71
C GLU A 301 24.65 24.35 -9.10
N GLU A 302 24.81 23.07 -8.72
CA GLU A 302 23.74 22.28 -8.09
C GLU A 302 23.29 22.93 -6.75
N ILE A 303 24.28 23.35 -5.92
CA ILE A 303 24.08 24.00 -4.61
C ILE A 303 23.28 25.30 -4.72
N GLU A 304 23.69 26.20 -5.63
CA GLU A 304 23.02 27.49 -5.85
C GLU A 304 21.58 27.32 -6.34
N THR A 305 21.32 26.32 -7.21
CA THR A 305 19.98 26.01 -7.72
C THR A 305 19.06 25.63 -6.54
N ILE A 306 19.48 24.67 -5.69
CA ILE A 306 18.68 24.23 -4.54
C ILE A 306 18.46 25.37 -3.51
N ARG A 307 19.54 26.11 -3.19
CA ARG A 307 19.47 27.20 -2.22
C ARG A 307 18.43 28.27 -2.64
N ALA A 308 18.41 28.66 -3.93
CA ALA A 308 17.48 29.66 -4.48
C ALA A 308 16.01 29.18 -4.36
N LYS A 309 15.78 27.88 -4.58
CA LYS A 309 14.44 27.26 -4.52
C LYS A 309 13.93 27.27 -3.09
N VAL A 310 14.83 26.99 -2.11
CA VAL A 310 14.52 27.00 -0.68
C VAL A 310 14.10 28.40 -0.24
N LEU A 311 14.84 29.43 -0.67
CA LEU A 311 14.51 30.82 -0.33
C LEU A 311 13.13 31.27 -0.88
N LYS A 312 12.81 30.92 -2.15
CA LYS A 312 11.51 31.27 -2.74
C LYS A 312 10.36 30.52 -2.02
N MET A 313 10.60 29.24 -1.68
CA MET A 313 9.60 28.43 -0.99
C MET A 313 9.29 29.00 0.39
N ASN A 314 10.33 29.45 1.12
CA ASN A 314 10.17 30.01 2.46
C ASN A 314 9.28 31.27 2.49
N GLU A 315 9.40 32.13 1.46
CA GLU A 315 8.54 33.31 1.39
C GLU A 315 7.05 32.90 1.19
N PHE A 316 6.83 31.85 0.38
CA PHE A 316 5.48 31.30 0.12
C PHE A 316 4.90 30.66 1.39
N ILE A 317 5.73 29.92 2.14
CA ILE A 317 5.30 29.31 3.40
C ILE A 317 4.79 30.37 4.39
N LYS A 318 5.52 31.50 4.49
CA LYS A 318 5.15 32.64 5.38
C LYS A 318 3.81 33.27 4.93
N ALA A 319 3.64 33.46 3.60
CA ALA A 319 2.41 34.02 3.02
C ALA A 319 1.22 33.09 3.32
N GLN A 320 1.43 31.76 3.20
CA GLN A 320 0.40 30.74 3.49
C GLN A 320 -0.01 30.75 4.95
N ALA A 321 1.00 30.83 5.87
CA ALA A 321 0.73 30.90 7.32
C ALA A 321 -0.14 32.14 7.64
N MET A 322 0.17 33.31 7.05
CA MET A 322 -0.58 34.56 7.25
C MET A 322 -2.00 34.45 6.69
N TYR A 323 -2.16 33.84 5.50
CA TYR A 323 -3.44 33.58 4.85
C TYR A 323 -4.38 32.78 5.77
N TYR A 324 -3.91 31.65 6.33
CA TYR A 324 -4.75 30.84 7.24
C TYR A 324 -4.95 31.52 8.60
N LYS A 325 -3.95 32.27 9.10
CA LYS A 325 -4.08 33.01 10.37
C LYS A 325 -5.16 34.12 10.25
N ALA A 326 -5.19 34.83 9.09
CA ALA A 326 -6.18 35.88 8.81
C ALA A 326 -7.60 35.32 8.72
N GLN A 327 -7.75 34.01 8.46
CA GLN A 327 -9.05 33.33 8.36
C GLN A 327 -9.55 32.73 9.68
N GLY A 328 -8.79 32.91 10.76
CA GLY A 328 -9.17 32.41 12.07
C GLY A 328 -8.63 31.05 12.45
N TYR A 329 -7.75 30.47 11.62
CA TYR A 329 -7.15 29.17 11.95
C TYR A 329 -6.04 29.37 12.99
N ASN A 330 -5.71 28.32 13.76
CA ASN A 330 -4.64 28.40 14.75
C ASN A 330 -3.32 27.98 14.11
N ILE A 331 -2.47 28.97 13.80
CA ILE A 331 -1.21 28.72 13.10
C ILE A 331 -0.01 29.15 13.92
N ALA A 332 0.96 28.25 14.08
CA ALA A 332 2.23 28.59 14.72
C ALA A 332 3.27 28.47 13.62
N LEU A 333 3.96 29.58 13.30
CA LEU A 333 4.98 29.57 12.25
C LEU A 333 6.36 29.71 12.89
N PHE A 334 7.25 28.74 12.64
CA PHE A 334 8.61 28.76 13.16
C PHE A 334 9.62 28.93 12.03
N ASP A 335 10.54 29.90 12.19
CA ASP A 335 11.56 30.14 11.17
C ASP A 335 12.79 29.24 11.39
N THR A 336 12.67 27.97 10.97
CA THR A 336 13.73 26.96 11.07
C THR A 336 14.94 27.38 10.23
N HIS A 337 14.70 28.06 9.09
CA HIS A 337 15.75 28.53 8.18
C HIS A 337 16.70 29.48 8.91
N ALA A 338 16.14 30.51 9.59
CA ALA A 338 16.93 31.49 10.36
C ALA A 338 17.71 30.81 11.51
N LEU A 339 17.08 29.86 12.22
CA LEU A 339 17.75 29.12 13.31
C LEU A 339 18.91 28.27 12.76
N PHE A 340 18.69 27.57 11.64
CA PHE A 340 19.71 26.72 11.03
C PHE A 340 20.93 27.50 10.53
N GLU A 341 20.71 28.75 10.03
CA GLU A 341 21.80 29.64 9.60
C GLU A 341 22.69 30.01 10.80
N LYS A 342 22.06 30.26 11.97
CA LYS A 342 22.77 30.59 13.24
C LYS A 342 23.57 29.41 13.71
N LEU A 343 22.93 28.24 13.73
CA LEU A 343 23.47 26.97 14.18
C LEU A 343 24.74 26.56 13.43
N THR A 344 24.73 26.71 12.09
CA THR A 344 25.83 26.33 11.22
C THR A 344 26.98 27.37 11.18
N SER A 345 26.68 28.67 11.35
CA SER A 345 27.68 29.75 11.35
C SER A 345 28.39 29.92 12.72
N ALA A 346 27.69 29.66 13.83
CA ALA A 346 28.30 29.76 15.15
C ALA A 346 27.81 28.59 16.05
N PRO A 347 28.19 27.31 15.71
CA PRO A 347 27.71 26.16 16.51
C PRO A 347 28.01 26.21 18.00
N GLU A 348 29.17 26.81 18.35
CA GLU A 348 29.67 26.99 19.72
C GLU A 348 28.76 27.88 20.59
N GLU A 349 27.84 28.65 19.97
CA GLU A 349 26.89 29.51 20.70
C GLU A 349 25.57 28.77 20.98
N HIS A 350 25.38 27.55 20.41
CA HIS A 350 24.13 26.79 20.51
C HIS A 350 24.28 25.36 21.10
N GLY A 351 25.42 25.09 21.75
CA GLY A 351 25.71 23.81 22.40
C GLY A 351 26.35 22.77 21.52
N PHE A 352 26.94 23.17 20.38
CA PHE A 352 27.54 22.23 19.43
C PHE A 352 29.01 22.54 19.14
N VAL A 353 29.81 21.50 18.89
CA VAL A 353 31.22 21.68 18.56
C VAL A 353 31.43 21.64 17.04
N ASN A 354 30.58 20.89 16.30
CA ASN A 354 30.76 20.72 14.87
C ASN A 354 29.43 20.76 14.11
N ALA A 355 29.35 21.63 13.09
CA ALA A 355 28.16 21.78 12.26
C ALA A 355 28.42 21.45 10.79
N SER A 356 29.66 20.99 10.46
CA SER A 356 29.99 20.73 9.05
C SER A 356 30.16 19.26 8.67
N ASP A 357 30.48 18.37 9.64
CA ASP A 357 30.73 16.95 9.38
C ASP A 357 29.69 16.01 9.96
N PRO A 358 29.43 14.81 9.37
CA PRO A 358 28.50 13.87 10.03
C PRO A 358 29.19 13.32 11.27
N CYS A 359 28.43 12.90 12.26
CA CYS A 359 28.99 12.25 13.45
C CYS A 359 29.58 10.88 13.02
N LEU A 360 28.84 10.15 12.15
CA LEU A 360 29.26 8.86 11.62
C LEU A 360 30.43 9.08 10.63
N ASP A 361 31.33 8.09 10.52
CA ASP A 361 32.50 8.19 9.63
C ASP A 361 32.14 7.88 8.18
N ILE A 362 31.30 8.73 7.58
CA ILE A 362 30.82 8.61 6.20
C ILE A 362 31.37 9.82 5.46
N ASN A 363 32.19 9.57 4.44
CA ASN A 363 32.92 10.63 3.73
C ASN A 363 32.70 10.64 2.21
N ARG A 364 31.45 10.37 1.83
CA ARG A 364 30.91 10.31 0.46
C ARG A 364 29.39 10.36 0.58
N SER A 365 28.70 10.56 -0.56
CA SER A 365 27.24 10.52 -0.60
C SER A 365 26.79 9.32 -1.48
N SER A 366 26.44 8.18 -0.85
CA SER A 366 26.02 6.95 -1.53
C SER A 366 24.96 6.23 -0.69
N SER A 367 23.73 6.11 -1.23
CA SER A 367 22.58 5.49 -0.55
C SER A 367 22.84 4.06 -0.05
N VAL A 368 23.84 3.35 -0.64
CA VAL A 368 24.20 1.98 -0.20
C VAL A 368 24.71 1.99 1.25
N ASP A 369 25.29 3.14 1.71
CA ASP A 369 25.80 3.28 3.09
C ASP A 369 24.70 3.10 4.14
N TYR A 370 23.41 3.32 3.78
CA TYR A 370 22.31 3.08 4.73
C TYR A 370 22.11 1.58 5.04
N MET A 371 22.71 0.71 4.24
CA MET A 371 22.62 -0.74 4.42
C MET A 371 23.63 -1.28 5.44
N TYR A 372 24.64 -0.47 5.79
CA TYR A 372 25.73 -0.90 6.68
C TYR A 372 25.84 -0.21 8.03
N THR A 373 26.67 -0.81 8.91
CA THR A 373 27.03 -0.29 10.23
C THR A 373 28.24 0.62 10.00
N HIS A 374 28.27 1.77 10.69
CA HIS A 374 29.37 2.71 10.59
C HIS A 374 29.85 3.09 11.97
N SER A 375 31.16 3.28 12.11
CA SER A 375 31.73 3.77 13.36
C SER A 375 31.57 5.31 13.37
N LEU A 376 31.67 5.91 14.58
CA LEU A 376 31.65 7.35 14.72
C LEU A 376 33.04 7.85 14.35
N ARG A 377 33.14 9.04 13.75
CA ARG A 377 34.46 9.59 13.43
C ARG A 377 35.10 10.03 14.76
N SER A 378 36.44 10.08 14.80
CA SER A 378 37.22 10.44 16.01
C SER A 378 36.65 11.64 16.78
N GLU A 379 36.41 12.77 16.05
CA GLU A 379 35.90 14.01 16.66
CA GLU A 379 35.90 14.01 16.63
C GLU A 379 34.57 13.78 17.36
N CYS A 380 33.65 13.00 16.74
CA CYS A 380 32.35 12.74 17.35
C CYS A 380 32.41 11.78 18.51
N ALA A 381 33.25 10.74 18.43
CA ALA A 381 33.43 9.80 19.54
C ALA A 381 34.00 10.58 20.76
N ALA A 382 34.89 11.58 20.51
CA ALA A 382 35.48 12.42 21.55
C ALA A 382 34.45 13.38 22.20
N SER A 383 33.67 14.10 21.39
CA SER A 383 32.71 15.07 21.91
C SER A 383 31.40 14.47 22.39
N GLY A 384 30.99 13.34 21.80
CA GLY A 384 29.69 12.71 22.01
C GLY A 384 28.76 13.19 20.91
N ALA A 385 27.79 12.35 20.48
CA ALA A 385 26.84 12.68 19.38
C ALA A 385 25.94 13.91 19.68
N ASP A 386 25.76 14.26 20.97
CA ASP A 386 24.94 15.41 21.35
C ASP A 386 25.61 16.77 21.00
N LYS A 387 26.89 16.75 20.54
CA LYS A 387 27.66 17.96 20.20
C LYS A 387 27.84 18.17 18.69
N PHE A 388 27.25 17.28 17.89
CA PHE A 388 27.27 17.36 16.42
C PHE A 388 25.90 17.73 15.93
N VAL A 389 25.84 18.59 14.91
CA VAL A 389 24.58 18.98 14.31
C VAL A 389 24.07 17.81 13.43
N PHE A 390 24.96 17.20 12.64
CA PHE A 390 24.61 16.13 11.70
C PHE A 390 25.01 14.75 12.17
N TRP A 391 24.12 13.76 11.96
CA TRP A 391 24.35 12.35 12.29
C TRP A 391 25.02 11.64 11.09
N ASP A 392 24.42 11.76 9.90
CA ASP A 392 24.93 11.17 8.66
C ASP A 392 25.22 12.32 7.65
N VAL A 393 25.36 12.05 6.34
CA VAL A 393 25.68 13.13 5.39
C VAL A 393 24.49 14.06 5.10
N THR A 394 23.29 13.65 5.51
CA THR A 394 22.09 14.43 5.23
C THR A 394 21.32 14.85 6.47
N HIS A 395 21.09 13.91 7.38
CA HIS A 395 20.19 14.04 8.51
C HIS A 395 20.80 14.56 9.79
N PRO A 396 20.03 15.33 10.56
CA PRO A 396 20.56 15.85 11.84
C PRO A 396 20.51 14.81 12.94
N THR A 397 21.31 15.05 14.01
CA THR A 397 21.33 14.19 15.19
C THR A 397 20.04 14.46 15.98
N THR A 398 19.75 13.60 16.93
CA THR A 398 18.58 13.75 17.79
C THR A 398 18.72 14.98 18.72
N ALA A 399 19.96 15.43 19.03
CA ALA A 399 20.20 16.66 19.82
C ALA A 399 19.76 17.88 19.01
N THR A 400 20.03 17.87 17.68
CA THR A 400 19.57 18.95 16.78
C THR A 400 18.02 18.95 16.73
N HIS A 401 17.41 17.77 16.60
CA HIS A 401 15.94 17.61 16.57
C HIS A 401 15.32 18.17 17.86
N ARG A 402 15.96 17.88 19.01
CA ARG A 402 15.50 18.34 20.34
C ARG A 402 15.65 19.85 20.47
N TYR A 403 16.80 20.40 20.05
CA TYR A 403 17.06 21.83 20.06
C TYR A 403 15.98 22.58 19.28
N VAL A 404 15.65 22.13 18.04
CA VAL A 404 14.62 22.74 17.19
C VAL A 404 13.23 22.68 17.87
N ALA A 405 12.88 21.50 18.38
CA ALA A 405 11.61 21.25 19.08
C ALA A 405 11.44 22.20 20.28
N GLU A 406 12.52 22.42 21.06
CA GLU A 406 12.47 23.29 22.25
C GLU A 406 12.39 24.75 21.85
N LYS A 407 13.11 25.15 20.76
CA LYS A 407 13.08 26.53 20.25
C LYS A 407 11.66 26.86 19.77
N MET A 408 11.02 25.87 19.15
CA MET A 408 9.64 25.95 18.68
C MET A 408 8.63 26.17 19.82
N LEU A 409 8.76 25.38 20.89
CA LEU A 409 7.88 25.53 22.06
C LEU A 409 8.09 26.92 22.73
N GLU A 410 9.34 27.39 22.85
CA GLU A 410 9.66 28.71 23.41
C GLU A 410 9.06 29.86 22.57
N SER A 411 9.27 29.84 21.24
CA SER A 411 8.79 30.82 20.27
C SER A 411 7.27 31.07 20.39
N SER A 412 6.52 29.97 20.48
CA SER A 412 5.06 29.89 20.56
C SER A 412 4.53 29.88 21.99
N ASN A 413 5.42 30.10 23.01
CA ASN A 413 5.07 30.09 24.44
C ASN A 413 4.30 28.82 24.80
N ASN A 414 5.00 27.66 24.66
CA ASN A 414 4.54 26.27 24.80
C ASN A 414 3.19 26.07 24.07
N LEU A 415 3.13 26.63 22.83
CA LEU A 415 2.01 26.65 21.89
C LEU A 415 0.73 27.32 22.50
N GLU A 416 0.81 28.66 22.65
CA GLU A 416 -0.16 29.56 23.28
C GLU A 416 -1.51 29.70 22.53
N GLU A 417 -1.49 29.78 21.19
CA GLU A 417 -2.72 29.93 20.38
C GLU A 417 -3.35 28.55 20.05
N PHE A 418 -2.91 27.50 20.77
CA PHE A 418 -3.46 26.15 20.68
C PHE A 418 -4.03 25.83 22.05
N ARG A 419 -5.17 25.14 22.12
CA ARG A 419 -5.79 24.80 23.40
C ARG A 419 -5.36 23.39 23.77
N PHE A 420 -4.67 23.25 24.92
CA PHE A 420 -4.19 21.94 25.40
C PHE A 420 -4.89 21.55 26.69
N VAL B 32 -31.74 -20.75 -21.71
CA VAL B 32 -32.34 -21.65 -20.74
C VAL B 32 -33.73 -21.11 -20.30
N SER B 33 -34.76 -21.96 -20.33
CA SER B 33 -36.14 -21.59 -20.01
C SER B 33 -36.36 -21.29 -18.53
N ALA B 34 -37.40 -20.47 -18.22
CA ALA B 34 -37.76 -20.08 -16.85
C ALA B 34 -38.08 -21.31 -15.98
N ALA B 35 -38.68 -22.36 -16.59
CA ALA B 35 -39.02 -23.63 -15.93
C ALA B 35 -37.76 -24.40 -15.55
N GLU B 36 -36.73 -24.38 -16.44
CA GLU B 36 -35.43 -25.01 -16.21
C GLU B 36 -34.66 -24.28 -15.09
N VAL B 37 -34.78 -22.93 -15.02
CA VAL B 37 -34.16 -22.10 -13.98
C VAL B 37 -34.75 -22.47 -12.61
N VAL B 38 -36.10 -22.50 -12.48
CA VAL B 38 -36.78 -22.88 -11.21
C VAL B 38 -36.33 -24.29 -10.77
N SER B 39 -36.33 -25.27 -11.71
CA SER B 39 -35.91 -26.67 -11.46
C SER B 39 -34.47 -26.79 -10.96
N ALA B 40 -33.53 -26.06 -11.61
CA ALA B 40 -32.12 -26.03 -11.21
C ALA B 40 -31.96 -25.43 -9.79
N GLN B 41 -32.73 -24.35 -9.49
CA GLN B 41 -32.71 -23.65 -8.19
C GLN B 41 -33.32 -24.47 -7.07
N GLU B 42 -34.38 -25.26 -7.37
CA GLU B 42 -35.07 -26.09 -6.38
C GLU B 42 -34.32 -27.39 -6.09
N ASN B 43 -33.28 -27.72 -6.91
CA ASN B 43 -32.46 -28.92 -6.73
C ASN B 43 -31.40 -28.68 -5.61
N GLN B 44 -31.90 -28.46 -4.38
CA GLN B 44 -31.13 -28.14 -3.19
C GLN B 44 -30.30 -29.29 -2.65
N THR B 45 -29.05 -28.98 -2.31
CA THR B 45 -28.08 -29.93 -1.75
C THR B 45 -27.13 -29.16 -0.83
N TYR B 46 -26.01 -29.80 -0.46
CA TYR B 46 -24.96 -29.20 0.34
C TYR B 46 -23.60 -29.59 -0.27
N THR B 47 -22.56 -28.84 0.06
CA THR B 47 -21.18 -29.11 -0.35
C THR B 47 -20.21 -28.64 0.73
N TYR B 48 -18.92 -28.95 0.57
CA TYR B 48 -17.88 -28.59 1.51
C TYR B 48 -17.06 -27.40 0.99
N VAL B 49 -16.19 -26.82 1.85
CA VAL B 49 -15.38 -25.67 1.47
C VAL B 49 -13.89 -25.99 1.60
N ARG B 50 -13.16 -25.84 0.48
CA ARG B 50 -11.72 -26.02 0.40
C ARG B 50 -11.07 -24.65 0.67
N CYS B 51 -10.33 -24.53 1.81
CA CYS B 51 -9.64 -23.29 2.21
C CYS B 51 -8.18 -23.37 1.75
N TRP B 52 -7.77 -22.51 0.81
CA TRP B 52 -6.39 -22.49 0.31
C TRP B 52 -5.60 -21.39 1.01
N TYR B 53 -4.26 -21.56 1.13
CA TYR B 53 -3.40 -20.60 1.80
C TYR B 53 -1.97 -20.71 1.33
N ARG B 54 -1.22 -19.59 1.40
CA ARG B 54 0.21 -19.55 1.09
C ARG B 54 0.91 -20.23 2.28
N THR B 55 1.75 -21.25 2.02
CA THR B 55 2.44 -21.99 3.11
C THR B 55 3.53 -21.17 3.81
N SER B 56 4.22 -20.31 3.09
CA SER B 56 5.27 -19.46 3.65
C SER B 56 4.72 -18.11 4.16
N HIS B 57 5.49 -17.46 5.05
CA HIS B 57 5.19 -16.10 5.53
C HIS B 57 5.75 -15.07 4.51
N SER B 58 6.52 -15.55 3.50
CA SER B 58 7.12 -14.71 2.45
C SER B 58 6.38 -14.80 1.11
N LYS B 59 6.17 -13.63 0.45
CA LYS B 59 5.55 -13.50 -0.86
C LYS B 59 6.52 -13.93 -1.98
N ASP B 60 7.76 -14.31 -1.62
CA ASP B 60 8.79 -14.86 -2.54
C ASP B 60 8.43 -16.32 -2.88
N ASP B 61 7.61 -16.96 -2.02
CA ASP B 61 7.22 -18.37 -2.15
C ASP B 61 5.75 -18.48 -2.53
N ALA B 62 5.49 -18.87 -3.79
CA ALA B 62 4.16 -19.01 -4.39
C ALA B 62 3.38 -20.22 -3.92
N ALA B 63 4.07 -21.26 -3.37
CA ALA B 63 3.44 -22.52 -2.96
C ALA B 63 2.26 -22.35 -1.99
N THR B 64 1.23 -23.17 -2.21
CA THR B 64 -0.01 -23.15 -1.44
C THR B 64 -0.38 -24.59 -1.02
N ASP B 65 -1.32 -24.69 -0.08
CA ASP B 65 -1.87 -25.97 0.40
C ASP B 65 -3.30 -25.66 0.84
N TRP B 66 -4.07 -26.71 1.15
CA TRP B 66 -5.46 -26.53 1.54
C TRP B 66 -5.86 -27.38 2.72
N LYS B 67 -6.99 -26.99 3.35
CA LYS B 67 -7.65 -27.73 4.42
C LYS B 67 -9.14 -27.55 4.22
N TRP B 68 -9.95 -28.53 4.65
CA TRP B 68 -11.41 -28.41 4.61
C TRP B 68 -11.83 -27.40 5.68
N ALA B 69 -12.82 -26.53 5.39
CA ALA B 69 -13.34 -25.56 6.38
C ALA B 69 -14.03 -26.34 7.49
N LYS B 70 -13.89 -25.86 8.73
CA LYS B 70 -14.49 -26.50 9.90
C LYS B 70 -15.22 -25.45 10.72
N ASN B 71 -16.21 -25.90 11.50
CA ASN B 71 -16.95 -25.09 12.47
C ASN B 71 -16.09 -25.06 13.73
N GLN B 72 -16.35 -24.10 14.64
CA GLN B 72 -15.62 -23.96 15.91
C GLN B 72 -15.51 -25.25 16.74
N ASP B 73 -16.53 -26.13 16.70
CA ASP B 73 -16.54 -27.41 17.43
C ASP B 73 -15.70 -28.53 16.76
N GLY B 74 -15.10 -28.23 15.60
CA GLY B 74 -14.26 -29.17 14.87
C GLY B 74 -14.96 -30.00 13.80
N SER B 75 -16.31 -29.88 13.71
CA SER B 75 -17.09 -30.60 12.70
C SER B 75 -16.89 -29.91 11.33
N ASP B 76 -17.02 -30.67 10.21
CA ASP B 76 -16.87 -30.13 8.86
C ASP B 76 -17.93 -29.05 8.59
N PHE B 77 -17.51 -27.93 7.97
CA PHE B 77 -18.41 -26.82 7.61
C PHE B 77 -19.02 -27.10 6.25
N THR B 78 -20.34 -27.03 6.16
CA THR B 78 -21.04 -27.27 4.90
C THR B 78 -21.87 -26.05 4.53
N ILE B 79 -22.13 -25.86 3.23
CA ILE B 79 -22.98 -24.79 2.73
C ILE B 79 -24.11 -25.42 1.90
N ASP B 80 -25.34 -24.89 2.07
CA ASP B 80 -26.53 -25.32 1.35
C ASP B 80 -26.67 -24.50 0.08
N GLY B 81 -27.23 -25.13 -0.95
CA GLY B 81 -27.45 -24.45 -2.23
C GLY B 81 -27.64 -25.40 -3.38
N TYR B 82 -27.39 -24.92 -4.59
CA TYR B 82 -27.56 -25.69 -5.82
C TYR B 82 -26.40 -25.49 -6.78
N TRP B 83 -26.23 -26.45 -7.68
CA TRP B 83 -25.20 -26.41 -8.70
C TRP B 83 -25.76 -25.95 -10.01
N TRP B 84 -24.90 -25.37 -10.84
CA TRP B 84 -25.19 -24.92 -12.20
C TRP B 84 -25.61 -26.15 -13.02
N SER B 85 -24.83 -27.23 -12.90
CA SER B 85 -25.03 -28.52 -13.56
C SER B 85 -24.66 -29.64 -12.60
N SER B 86 -25.43 -30.73 -12.65
CA SER B 86 -25.19 -31.91 -11.82
C SER B 86 -24.00 -32.74 -12.32
N VAL B 87 -23.53 -32.51 -13.57
CA VAL B 87 -22.45 -33.35 -14.16
C VAL B 87 -21.17 -32.59 -14.65
N SER B 88 -21.28 -31.39 -15.26
CA SER B 88 -20.12 -30.68 -15.82
C SER B 88 -19.02 -30.26 -14.83
N PHE B 89 -17.76 -30.37 -15.27
CA PHE B 89 -16.58 -29.99 -14.51
C PHE B 89 -16.47 -28.46 -14.40
N LYS B 90 -16.98 -27.73 -15.44
CA LYS B 90 -17.10 -26.27 -15.48
C LYS B 90 -18.42 -26.00 -14.74
N ASN B 91 -18.34 -25.50 -13.51
CA ASN B 91 -19.56 -25.36 -12.68
C ASN B 91 -19.54 -24.10 -11.78
N MET B 92 -20.60 -23.96 -10.96
CA MET B 92 -20.76 -22.91 -9.95
C MET B 92 -21.76 -23.37 -8.90
N PHE B 93 -21.50 -23.02 -7.63
CA PHE B 93 -22.38 -23.39 -6.52
C PHE B 93 -23.00 -22.10 -6.01
N TYR B 94 -24.32 -22.02 -5.97
CA TYR B 94 -25.06 -20.83 -5.56
C TYR B 94 -25.59 -21.08 -4.16
N THR B 95 -25.21 -20.23 -3.20
CA THR B 95 -25.62 -20.34 -1.80
C THR B 95 -26.19 -19.01 -1.29
N ASN B 96 -26.97 -19.09 -0.18
CA ASN B 96 -27.51 -17.91 0.49
C ASN B 96 -26.47 -17.40 1.52
N THR B 97 -25.48 -18.25 1.89
CA THR B 97 -24.39 -17.92 2.82
C THR B 97 -23.50 -16.83 2.19
N SER B 98 -23.18 -15.78 2.97
CA SER B 98 -22.35 -14.67 2.48
C SER B 98 -20.89 -15.06 2.33
N GLN B 99 -20.16 -14.34 1.47
CA GLN B 99 -18.72 -14.53 1.24
C GLN B 99 -17.92 -14.29 2.53
N ASN B 100 -18.33 -13.29 3.34
CA ASN B 100 -17.68 -12.93 4.61
C ASN B 100 -17.75 -14.05 5.64
N VAL B 101 -18.91 -14.73 5.75
CA VAL B 101 -19.09 -15.88 6.66
C VAL B 101 -18.17 -17.04 6.22
N ILE B 102 -18.13 -17.35 4.91
CA ILE B 102 -17.27 -18.42 4.39
C ILE B 102 -15.79 -18.10 4.66
N ARG B 103 -15.38 -16.83 4.40
CA ARG B 103 -14.02 -16.34 4.62
C ARG B 103 -13.61 -16.50 6.10
N GLN B 104 -14.50 -16.11 7.02
CA GLN B 104 -14.31 -16.19 8.47
C GLN B 104 -14.08 -17.63 8.91
N ARG B 105 -14.81 -18.57 8.30
CA ARG B 105 -14.73 -20.00 8.60
C ARG B 105 -13.35 -20.55 8.18
N CYS B 106 -12.82 -20.06 7.05
CA CYS B 106 -11.49 -20.45 6.57
C CYS B 106 -10.38 -19.88 7.47
N GLU B 107 -10.48 -18.58 7.81
CA GLU B 107 -9.52 -17.89 8.69
C GLU B 107 -9.40 -18.59 10.05
N GLU B 108 -10.54 -18.94 10.65
CA GLU B 108 -10.59 -19.62 11.95
C GLU B 108 -10.09 -21.06 11.86
N THR B 109 -10.44 -21.80 10.78
CA THR B 109 -10.00 -23.19 10.59
C THR B 109 -8.48 -23.27 10.45
N LEU B 110 -7.91 -22.44 9.55
CA LEU B 110 -6.48 -22.41 9.28
C LEU B 110 -5.64 -21.92 10.46
N ASP B 111 -6.12 -20.89 11.19
CA ASP B 111 -5.50 -20.32 12.40
C ASP B 111 -3.98 -20.13 12.22
N LEU B 112 -3.62 -19.38 11.17
CA LEU B 112 -2.24 -19.20 10.77
C LEU B 112 -1.47 -18.05 11.39
N ALA B 113 -2.10 -16.86 11.62
CA ALA B 113 -1.46 -15.59 12.06
C ALA B 113 -0.26 -15.25 11.13
N ASN B 114 -0.55 -15.33 9.82
CA ASN B 114 0.37 -15.08 8.72
C ASN B 114 -0.25 -13.96 7.91
N GLU B 115 0.40 -12.79 7.92
CA GLU B 115 -0.08 -11.59 7.21
C GLU B 115 -0.08 -11.77 5.67
N ASN B 116 0.64 -12.82 5.16
CA ASN B 116 0.71 -13.16 3.72
C ASN B 116 0.00 -14.47 3.37
N ALA B 117 -0.88 -14.99 4.30
CA ALA B 117 -1.65 -16.21 4.09
C ALA B 117 -2.41 -16.17 2.74
N ASP B 118 -2.96 -14.98 2.38
CA ASP B 118 -3.65 -14.74 1.11
C ASP B 118 -4.70 -15.84 0.82
N ILE B 119 -5.58 -16.06 1.80
CA ILE B 119 -6.62 -17.11 1.78
C ILE B 119 -7.62 -16.91 0.66
N THR B 120 -7.94 -18.01 -0.05
CA THR B 120 -8.98 -18.10 -1.06
C THR B 120 -9.77 -19.38 -0.75
N PHE B 121 -11.03 -19.46 -1.21
CA PHE B 121 -11.89 -20.62 -0.92
C PHE B 121 -12.75 -21.00 -2.12
N PHE B 122 -13.16 -22.29 -2.17
CA PHE B 122 -13.97 -22.86 -3.25
C PHE B 122 -14.90 -23.93 -2.71
N ALA B 123 -15.97 -24.26 -3.48
CA ALA B 123 -16.85 -25.37 -3.15
C ALA B 123 -16.22 -26.67 -3.72
N ALA B 124 -16.35 -27.78 -2.98
CA ALA B 124 -15.84 -29.08 -3.40
C ALA B 124 -16.50 -30.18 -2.59
N ASP B 125 -17.01 -31.22 -3.28
CA ASP B 125 -17.65 -32.36 -2.64
C ASP B 125 -16.62 -33.29 -1.98
N ASN B 126 -15.41 -33.37 -2.58
CA ASN B 126 -14.28 -34.20 -2.13
C ASN B 126 -12.95 -33.72 -2.74
N ARG B 127 -11.84 -34.39 -2.37
CA ARG B 127 -10.48 -34.11 -2.83
C ARG B 127 -10.28 -34.20 -4.36
N TYR B 128 -11.12 -35.00 -5.06
CA TYR B 128 -11.05 -35.14 -6.54
C TYR B 128 -11.72 -33.97 -7.28
N SER B 129 -12.61 -33.23 -6.59
CA SER B 129 -13.34 -32.10 -7.15
C SER B 129 -12.41 -30.95 -7.58
N TYR B 130 -12.80 -30.26 -8.64
CA TYR B 130 -12.08 -29.07 -9.12
C TYR B 130 -12.42 -27.90 -8.16
N ASN B 131 -11.73 -26.76 -8.32
CA ASN B 131 -12.00 -25.58 -7.50
C ASN B 131 -13.22 -24.83 -8.06
N HIS B 132 -14.40 -25.03 -7.45
CA HIS B 132 -15.64 -24.39 -7.92
C HIS B 132 -15.91 -23.09 -7.21
N THR B 133 -16.19 -22.04 -7.99
CA THR B 133 -16.53 -20.72 -7.44
C THR B 133 -17.87 -20.82 -6.72
N ILE B 134 -17.97 -20.17 -5.56
CA ILE B 134 -19.18 -20.10 -4.77
C ILE B 134 -19.77 -18.70 -5.06
N TRP B 135 -21.02 -18.67 -5.55
CA TRP B 135 -21.78 -17.43 -5.81
C TRP B 135 -22.71 -17.21 -4.63
N SER B 136 -22.58 -16.06 -3.92
CA SER B 136 -23.49 -15.76 -2.82
C SER B 136 -24.69 -14.96 -3.40
N ASN B 137 -25.88 -15.59 -3.41
CA ASN B 137 -27.11 -14.98 -3.96
C ASN B 137 -27.48 -13.73 -3.22
N ASP B 138 -27.92 -12.69 -3.95
CA ASP B 138 -28.36 -11.40 -3.38
C ASP B 138 -29.74 -11.50 -2.75
N ALA B 139 -30.04 -10.58 -1.85
CA ALA B 139 -31.36 -10.47 -1.20
C ALA B 139 -32.31 -9.76 -2.17
N ALA B 140 -33.63 -10.02 -2.03
CA ALA B 140 -34.66 -9.43 -2.88
C ALA B 140 -34.69 -7.89 -2.73
N MET B 141 -34.50 -7.38 -1.49
CA MET B 141 -34.38 -5.94 -1.24
C MET B 141 -32.89 -5.60 -1.33
N GLN B 142 -32.51 -4.83 -2.34
CA GLN B 142 -31.13 -4.39 -2.61
C GLN B 142 -31.10 -2.88 -2.79
N PRO B 143 -30.24 -2.12 -2.06
CA PRO B 143 -30.12 -0.68 -2.38
C PRO B 143 -29.40 -0.51 -3.73
N ASP B 144 -29.61 0.64 -4.40
CA ASP B 144 -28.96 0.93 -5.68
C ASP B 144 -27.51 1.34 -5.40
N GLN B 145 -26.62 0.33 -5.30
CA GLN B 145 -25.18 0.48 -5.03
C GLN B 145 -24.44 -0.78 -5.44
N ILE B 146 -23.17 -0.62 -5.85
CA ILE B 146 -22.27 -1.73 -6.22
C ILE B 146 -22.17 -2.73 -5.06
N ASN B 147 -22.45 -4.03 -5.32
CA ASN B 147 -22.36 -5.06 -4.26
C ASN B 147 -21.49 -6.27 -4.67
N LYS B 148 -20.88 -6.22 -5.89
CA LYS B 148 -20.02 -7.29 -6.39
C LYS B 148 -19.19 -6.78 -7.54
N VAL B 149 -18.07 -7.46 -7.79
CA VAL B 149 -17.16 -7.19 -8.91
C VAL B 149 -17.18 -8.41 -9.85
N VAL B 150 -17.38 -8.16 -11.15
CA VAL B 150 -17.35 -9.19 -12.19
C VAL B 150 -16.17 -8.84 -13.11
N ALA B 151 -15.20 -9.76 -13.24
CA ALA B 151 -14.00 -9.55 -14.06
C ALA B 151 -13.98 -10.30 -15.38
N LEU B 152 -13.60 -9.65 -16.45
CA LEU B 152 -13.45 -10.28 -17.77
C LEU B 152 -12.06 -9.89 -18.31
N GLY B 153 -11.43 -10.80 -19.05
CA GLY B 153 -10.11 -10.54 -19.61
C GLY B 153 -9.14 -11.69 -19.70
N ASP B 154 -7.84 -11.40 -19.54
CA ASP B 154 -6.78 -12.40 -19.72
C ASP B 154 -5.97 -12.70 -18.42
N SER B 155 -4.67 -13.08 -18.56
CA SER B 155 -3.79 -13.43 -17.41
C SER B 155 -3.47 -12.25 -16.49
N LEU B 156 -3.80 -10.99 -16.89
CA LEU B 156 -3.65 -9.85 -15.98
C LEU B 156 -4.75 -9.83 -14.90
N SER B 157 -5.80 -10.64 -15.11
CA SER B 157 -6.94 -10.76 -14.19
C SER B 157 -7.30 -12.21 -13.73
N ASP B 158 -6.93 -13.27 -14.49
CA ASP B 158 -7.33 -14.65 -14.12
C ASP B 158 -6.93 -15.02 -12.71
N THR B 159 -7.89 -15.46 -11.89
CA THR B 159 -7.67 -15.88 -10.49
C THR B 159 -7.68 -17.42 -10.36
N GLY B 160 -7.91 -18.14 -11.48
CA GLY B 160 -7.90 -19.60 -11.45
C GLY B 160 -8.65 -20.43 -12.51
N ASN B 161 -9.18 -19.81 -13.60
CA ASN B 161 -9.92 -20.58 -14.63
C ASN B 161 -9.02 -21.51 -15.47
N ILE B 162 -7.90 -21.02 -16.03
CA ILE B 162 -7.04 -21.91 -16.83
C ILE B 162 -6.39 -23.00 -15.92
N PHE B 163 -6.18 -22.71 -14.61
CA PHE B 163 -5.69 -23.66 -13.59
C PHE B 163 -6.61 -24.88 -13.48
N ASN B 164 -7.91 -24.63 -13.33
CA ASN B 164 -8.88 -25.71 -13.22
C ASN B 164 -8.86 -26.58 -14.48
N ALA B 165 -8.97 -25.96 -15.63
CA ALA B 165 -9.01 -26.58 -16.96
C ALA B 165 -7.74 -27.38 -17.31
N SER B 166 -6.57 -26.99 -16.75
CA SER B 166 -5.31 -27.68 -17.04
C SER B 166 -4.95 -28.78 -16.02
N GLN B 167 -5.88 -29.10 -15.09
CA GLN B 167 -5.71 -30.14 -14.04
C GLN B 167 -4.72 -29.71 -12.92
N TRP B 168 -4.67 -28.39 -12.64
CA TRP B 168 -3.82 -27.77 -11.61
C TRP B 168 -2.30 -27.87 -11.91
N ARG B 169 -1.97 -27.87 -13.21
CA ARG B 169 -0.60 -28.01 -13.74
C ARG B 169 -0.08 -26.74 -14.43
N PHE B 170 -0.98 -25.96 -15.07
CA PHE B 170 -0.65 -24.74 -15.82
C PHE B 170 -1.37 -23.52 -15.22
N PRO B 171 -0.67 -22.56 -14.57
CA PRO B 171 0.77 -22.46 -14.31
C PRO B 171 1.17 -23.29 -13.08
N ASN B 172 2.39 -23.82 -13.08
CA ASN B 172 2.92 -24.67 -12.00
C ASN B 172 2.67 -24.06 -10.61
N PRO B 173 1.96 -24.80 -9.73
CA PRO B 173 1.60 -24.26 -8.40
C PRO B 173 2.73 -24.05 -7.37
N ASN B 174 3.99 -24.38 -7.70
CA ASN B 174 5.13 -24.13 -6.82
C ASN B 174 5.78 -22.77 -7.13
N SER B 175 5.63 -22.31 -8.39
CA SER B 175 6.26 -21.07 -8.85
C SER B 175 5.28 -19.95 -9.25
N TRP B 176 3.96 -20.25 -9.33
CA TRP B 176 2.87 -19.30 -9.60
C TRP B 176 1.80 -19.53 -8.54
N PHE B 177 1.26 -18.45 -7.99
CA PHE B 177 0.30 -18.53 -6.88
C PHE B 177 -1.08 -19.08 -7.27
N LEU B 178 -1.32 -20.36 -6.98
CA LEU B 178 -2.59 -21.07 -7.20
C LEU B 178 -3.42 -20.55 -8.41
N GLY B 179 -2.91 -20.75 -9.62
CA GLY B 179 -3.60 -20.36 -10.84
C GLY B 179 -3.54 -18.90 -11.21
N HIS B 180 -2.95 -18.06 -10.36
CA HIS B 180 -2.79 -16.64 -10.69
C HIS B 180 -1.44 -16.55 -11.42
N PHE B 181 -1.33 -15.75 -12.50
CA PHE B 181 -0.05 -15.60 -13.23
C PHE B 181 0.76 -14.51 -12.54
N SER B 182 1.15 -14.80 -11.28
CA SER B 182 1.90 -13.93 -10.38
C SER B 182 2.30 -14.73 -9.12
N ASN B 183 2.93 -14.06 -8.14
CA ASN B 183 3.33 -14.67 -6.85
C ASN B 183 2.30 -14.40 -5.76
N GLY B 184 1.17 -13.80 -6.16
CA GLY B 184 0.05 -13.51 -5.25
C GLY B 184 -1.16 -13.00 -5.99
N PHE B 185 -2.01 -12.21 -5.28
CA PHE B 185 -3.23 -11.63 -5.82
C PHE B 185 -2.98 -10.71 -7.02
N VAL B 186 -3.99 -10.64 -7.91
CA VAL B 186 -3.98 -9.74 -9.09
C VAL B 186 -4.73 -8.44 -8.73
N TRP B 187 -4.63 -7.38 -9.58
CA TRP B 187 -5.23 -6.08 -9.33
C TRP B 187 -6.72 -6.11 -8.95
N THR B 188 -7.54 -6.97 -9.63
CA THR B 188 -8.98 -7.07 -9.34
C THR B 188 -9.26 -7.51 -7.92
N GLU B 189 -8.46 -8.49 -7.41
CA GLU B 189 -8.62 -8.96 -6.04
C GLU B 189 -8.27 -7.87 -5.04
N TYR B 190 -7.24 -7.05 -5.31
CA TYR B 190 -6.89 -5.95 -4.42
C TYR B 190 -8.01 -4.88 -4.41
N VAL B 191 -8.59 -4.57 -5.59
CA VAL B 191 -9.70 -3.61 -5.73
C VAL B 191 -10.92 -4.11 -4.92
N ALA B 192 -11.39 -5.36 -5.20
CA ALA B 192 -12.53 -5.99 -4.50
C ALA B 192 -12.34 -5.99 -2.96
N LYS B 193 -11.12 -6.37 -2.49
CA LYS B 193 -10.80 -6.41 -1.06
C LYS B 193 -10.82 -5.02 -0.41
N ALA B 194 -10.28 -4.00 -1.12
CA ALA B 194 -10.25 -2.62 -0.62
C ALA B 194 -11.68 -2.12 -0.33
N LYS B 195 -12.65 -2.60 -1.12
CA LYS B 195 -14.07 -2.22 -1.04
C LYS B 195 -14.94 -3.25 -0.32
N ASN B 196 -14.33 -4.33 0.22
CA ASN B 196 -15.01 -5.45 0.90
C ASN B 196 -16.14 -6.06 0.03
N LEU B 197 -15.84 -6.26 -1.27
CA LEU B 197 -16.82 -6.81 -2.22
C LEU B 197 -16.41 -8.18 -2.71
N PRO B 198 -17.38 -9.10 -2.96
CA PRO B 198 -17.02 -10.37 -3.60
C PRO B 198 -16.58 -10.11 -5.05
N LEU B 199 -15.70 -10.97 -5.54
CA LEU B 199 -15.19 -10.90 -6.90
C LEU B 199 -15.52 -12.22 -7.59
N TYR B 200 -16.16 -12.13 -8.77
CA TYR B 200 -16.51 -13.31 -9.59
C TYR B 200 -15.78 -13.18 -10.90
N ASN B 201 -14.86 -14.13 -11.14
CA ASN B 201 -13.93 -14.10 -12.28
C ASN B 201 -14.28 -14.98 -13.48
N TRP B 202 -14.31 -14.36 -14.68
CA TRP B 202 -14.48 -15.05 -15.98
C TRP B 202 -13.22 -14.90 -16.84
N ALA B 203 -12.23 -14.10 -16.37
CA ALA B 203 -10.97 -13.91 -17.11
C ALA B 203 -10.23 -15.24 -17.21
N VAL B 204 -9.61 -15.48 -18.37
CA VAL B 204 -8.91 -16.75 -18.62
C VAL B 204 -7.51 -16.43 -19.10
N GLY B 205 -6.50 -17.03 -18.46
CA GLY B 205 -5.10 -16.87 -18.86
C GLY B 205 -4.90 -17.31 -20.31
N GLY B 206 -4.28 -16.43 -21.10
CA GLY B 206 -4.02 -16.66 -22.52
C GLY B 206 -5.14 -16.24 -23.45
N ALA B 207 -6.29 -15.77 -22.90
CA ALA B 207 -7.46 -15.38 -23.70
C ALA B 207 -7.25 -14.24 -24.68
N ALA B 208 -7.75 -14.44 -25.91
CA ALA B 208 -7.83 -13.47 -26.99
C ALA B 208 -9.32 -13.01 -27.07
N GLY B 209 -9.66 -12.11 -27.98
CA GLY B 209 -11.00 -11.59 -28.18
C GLY B 209 -11.98 -12.65 -28.65
N GLU B 210 -11.48 -13.57 -29.48
CA GLU B 210 -12.21 -14.71 -30.02
C GLU B 210 -11.45 -16.02 -29.73
N ASN B 211 -12.15 -17.16 -29.92
CA ASN B 211 -11.59 -18.50 -29.75
C ASN B 211 -10.52 -18.78 -30.82
N GLN B 212 -9.39 -19.37 -30.40
CA GLN B 212 -8.31 -19.70 -31.33
C GLN B 212 -8.12 -21.22 -31.41
N TYR B 213 -7.81 -21.73 -32.61
CA TYR B 213 -7.62 -23.16 -32.92
C TYR B 213 -8.79 -24.01 -32.37
N ILE B 214 -10.02 -23.40 -32.39
CA ILE B 214 -11.34 -23.90 -31.98
C ILE B 214 -11.48 -24.00 -30.44
N ALA B 215 -10.58 -24.75 -29.78
CA ALA B 215 -10.62 -25.04 -28.34
C ALA B 215 -10.19 -23.91 -27.39
N LEU B 216 -9.29 -23.00 -27.84
CA LEU B 216 -8.80 -21.91 -26.99
C LEU B 216 -9.84 -20.78 -26.78
N THR B 217 -10.67 -20.90 -25.72
CA THR B 217 -11.74 -19.97 -25.29
C THR B 217 -11.24 -18.49 -25.25
N GLY B 218 -12.12 -17.55 -25.67
CA GLY B 218 -11.87 -16.11 -25.70
C GLY B 218 -12.87 -15.26 -24.92
N VAL B 219 -12.71 -13.90 -24.96
CA VAL B 219 -13.58 -12.95 -24.22
C VAL B 219 -15.07 -13.06 -24.64
N GLY B 220 -15.34 -13.33 -25.93
CA GLY B 220 -16.71 -13.51 -26.40
C GLY B 220 -17.42 -14.63 -25.66
N GLU B 221 -16.70 -15.75 -25.44
CA GLU B 221 -17.22 -16.91 -24.69
C GLU B 221 -17.39 -16.55 -23.22
N GLN B 222 -16.50 -15.67 -22.67
CA GLN B 222 -16.58 -15.22 -21.26
C GLN B 222 -17.90 -14.45 -21.00
N VAL B 223 -18.27 -13.54 -21.94
CA VAL B 223 -19.51 -12.76 -21.85
C VAL B 223 -20.73 -13.73 -21.91
N SER B 224 -20.69 -14.69 -22.84
CA SER B 224 -21.75 -15.70 -23.00
C SER B 224 -21.87 -16.50 -21.73
N SER B 225 -20.72 -16.91 -21.15
CA SER B 225 -20.65 -17.66 -19.91
C SER B 225 -21.26 -16.84 -18.77
N TYR B 226 -20.86 -15.55 -18.61
CA TYR B 226 -21.42 -14.65 -17.59
C TYR B 226 -22.98 -14.57 -17.67
N LEU B 227 -23.53 -14.40 -18.89
CA LEU B 227 -24.98 -14.32 -19.17
C LEU B 227 -25.72 -15.59 -18.81
N THR B 228 -25.09 -16.72 -19.06
CA THR B 228 -25.65 -18.04 -18.79
C THR B 228 -25.73 -18.29 -17.29
N TYR B 229 -24.61 -18.18 -16.57
CA TYR B 229 -24.55 -18.42 -15.12
C TYR B 229 -25.37 -17.44 -14.28
N THR B 230 -25.50 -16.17 -14.71
CA THR B 230 -26.27 -15.20 -13.91
C THR B 230 -27.77 -15.40 -14.06
N LYS B 231 -28.22 -16.11 -15.12
CA LYS B 231 -29.65 -16.41 -15.29
C LYS B 231 -30.13 -17.39 -14.20
N LEU B 232 -29.19 -18.17 -13.62
CA LEU B 232 -29.46 -19.12 -12.55
C LEU B 232 -29.35 -18.47 -11.17
N ALA B 233 -28.71 -17.26 -11.05
CA ALA B 233 -28.61 -16.53 -9.77
C ALA B 233 -29.99 -16.03 -9.34
N LYS B 234 -30.21 -15.85 -8.03
CA LYS B 234 -31.47 -15.34 -7.49
C LYS B 234 -31.34 -13.84 -7.24
N ASN B 235 -32.41 -13.06 -7.53
CA ASN B 235 -32.50 -11.61 -7.29
C ASN B 235 -31.33 -10.83 -7.91
N TYR B 236 -30.85 -11.29 -9.07
CA TYR B 236 -29.70 -10.66 -9.71
C TYR B 236 -30.09 -9.37 -10.46
N ASN B 237 -29.52 -8.24 -10.03
CA ASN B 237 -29.71 -6.94 -10.67
C ASN B 237 -28.35 -6.54 -11.30
N PRO B 238 -28.19 -6.60 -12.65
CA PRO B 238 -26.88 -6.28 -13.22
C PRO B 238 -26.38 -4.85 -12.98
N ALA B 239 -27.30 -3.90 -12.63
CA ALA B 239 -26.98 -2.51 -12.33
C ALA B 239 -26.08 -2.38 -11.07
N ASN B 240 -26.08 -3.40 -10.20
CA ASN B 240 -25.29 -3.41 -8.95
C ASN B 240 -23.93 -4.13 -9.08
N THR B 241 -23.52 -4.44 -10.31
CA THR B 241 -22.24 -5.08 -10.56
C THR B 241 -21.21 -4.08 -11.10
N LEU B 242 -20.00 -4.09 -10.53
CA LEU B 242 -18.88 -3.32 -11.08
C LEU B 242 -18.16 -4.27 -12.04
N PHE B 243 -18.19 -3.95 -13.34
CA PHE B 243 -17.50 -4.77 -14.33
C PHE B 243 -16.07 -4.27 -14.58
N THR B 244 -15.09 -5.21 -14.63
CA THR B 244 -13.71 -4.85 -15.01
C THR B 244 -13.44 -5.53 -16.34
N LEU B 245 -12.75 -4.82 -17.25
CA LEU B 245 -12.45 -5.41 -18.55
C LEU B 245 -11.08 -4.98 -19.04
N GLU B 246 -10.32 -5.97 -19.56
CA GLU B 246 -9.00 -5.77 -20.20
C GLU B 246 -8.61 -6.98 -21.05
N PHE B 247 -8.24 -6.73 -22.30
CA PHE B 247 -7.74 -7.74 -23.20
C PHE B 247 -7.15 -7.05 -24.42
N GLY B 248 -6.48 -7.81 -25.25
CA GLY B 248 -5.89 -7.28 -26.48
C GLY B 248 -4.44 -7.66 -26.60
N LEU B 249 -3.74 -7.83 -25.46
CA LEU B 249 -2.31 -8.16 -25.51
C LEU B 249 -2.01 -9.59 -26.04
N ASN B 250 -2.79 -10.64 -25.72
CA ASN B 250 -2.52 -11.96 -26.31
C ASN B 250 -2.82 -11.95 -27.81
N ASP B 251 -3.88 -11.21 -28.21
CA ASP B 251 -4.31 -11.08 -29.59
C ASP B 251 -3.16 -10.53 -30.41
N PHE B 252 -2.51 -9.48 -29.90
CA PHE B 252 -1.39 -8.85 -30.59
C PHE B 252 -0.08 -9.64 -30.45
N MET B 253 0.23 -10.14 -29.25
CA MET B 253 1.50 -10.88 -28.99
C MET B 253 1.56 -12.27 -29.59
N ASN B 254 0.53 -13.08 -29.35
CA ASN B 254 0.52 -14.50 -29.75
C ASN B 254 -0.21 -14.86 -31.04
N TYR B 255 -1.23 -14.09 -31.43
CA TYR B 255 -2.01 -14.47 -32.62
C TYR B 255 -1.88 -13.50 -33.81
N ASN B 256 -1.03 -12.47 -33.68
CA ASN B 256 -0.77 -11.47 -34.72
C ASN B 256 -2.11 -10.91 -35.30
N ARG B 257 -3.11 -10.68 -34.42
CA ARG B 257 -4.43 -10.21 -34.84
C ARG B 257 -4.39 -8.74 -35.26
N SER B 258 -5.25 -8.36 -36.22
CA SER B 258 -5.33 -6.98 -36.69
C SER B 258 -5.97 -6.08 -35.61
N VAL B 259 -5.63 -4.79 -35.64
CA VAL B 259 -6.18 -3.78 -34.73
C VAL B 259 -7.73 -3.73 -34.90
N PRO B 260 -8.31 -3.65 -36.15
CA PRO B 260 -9.78 -3.62 -36.24
C PRO B 260 -10.51 -4.82 -35.65
N GLU B 261 -9.95 -6.04 -35.77
CA GLU B 261 -10.67 -7.19 -35.20
C GLU B 261 -10.64 -7.19 -33.66
N VAL B 262 -9.57 -6.63 -33.06
CA VAL B 262 -9.46 -6.53 -31.58
C VAL B 262 -10.40 -5.42 -31.08
N LYS B 263 -10.44 -4.28 -31.81
CA LYS B 263 -11.36 -3.18 -31.53
C LYS B 263 -12.79 -3.67 -31.54
N ALA B 264 -13.17 -4.40 -32.60
CA ALA B 264 -14.52 -4.95 -32.78
C ALA B 264 -14.93 -5.90 -31.66
N ASP B 265 -14.01 -6.75 -31.20
CA ASP B 265 -14.29 -7.66 -30.08
C ASP B 265 -14.51 -6.89 -28.77
N TYR B 266 -13.73 -5.82 -28.55
CA TYR B 266 -13.82 -4.97 -27.35
C TYR B 266 -15.17 -4.22 -27.33
N ALA B 267 -15.54 -3.57 -28.46
CA ALA B 267 -16.81 -2.88 -28.62
C ALA B 267 -17.98 -3.86 -28.44
N GLU B 268 -17.85 -5.09 -29.00
CA GLU B 268 -18.89 -6.13 -28.88
C GLU B 268 -19.15 -6.53 -27.42
N ALA B 269 -18.08 -6.61 -26.60
CA ALA B 269 -18.23 -6.96 -25.18
C ALA B 269 -19.03 -5.89 -24.43
N LEU B 270 -18.73 -4.61 -24.68
CA LEU B 270 -19.44 -3.48 -24.05
C LEU B 270 -20.90 -3.38 -24.52
N ILE B 271 -21.17 -3.65 -25.83
CA ILE B 271 -22.53 -3.68 -26.38
C ILE B 271 -23.35 -4.78 -25.68
N ARG B 272 -22.81 -6.02 -25.62
CA ARG B 272 -23.50 -7.17 -25.01
C ARG B 272 -23.75 -6.94 -23.51
N LEU B 273 -22.75 -6.42 -22.79
CA LEU B 273 -22.93 -6.17 -21.36
C LEU B 273 -23.94 -5.06 -21.07
N THR B 274 -23.85 -3.91 -21.79
CA THR B 274 -24.81 -2.80 -21.58
C THR B 274 -26.23 -3.18 -22.00
N ASP B 275 -26.39 -4.02 -23.07
CA ASP B 275 -27.70 -4.51 -23.48
C ASP B 275 -28.32 -5.45 -22.46
N ALA B 276 -27.47 -6.12 -21.65
CA ALA B 276 -27.89 -7.04 -20.61
C ALA B 276 -27.95 -6.37 -19.22
N GLY B 277 -28.08 -5.03 -19.20
CA GLY B 277 -28.27 -4.25 -17.98
C GLY B 277 -27.06 -3.68 -17.24
N ALA B 278 -25.83 -3.85 -17.77
CA ALA B 278 -24.62 -3.32 -17.10
C ALA B 278 -24.57 -1.80 -17.14
N LYS B 279 -24.22 -1.17 -15.99
CA LYS B 279 -24.16 0.29 -15.85
C LYS B 279 -22.80 0.84 -15.39
N ASN B 280 -21.96 0.00 -14.76
CA ASN B 280 -20.72 0.41 -14.10
C ASN B 280 -19.49 -0.35 -14.59
N PHE B 281 -18.49 0.38 -15.09
CA PHE B 281 -17.28 -0.23 -15.62
C PHE B 281 -15.99 0.46 -15.18
N MET B 282 -14.97 -0.38 -14.91
CA MET B 282 -13.58 0.02 -14.69
C MET B 282 -12.86 -0.39 -15.98
N LEU B 283 -12.49 0.58 -16.79
CA LEU B 283 -11.81 0.33 -18.06
C LEU B 283 -10.37 0.79 -17.94
N MET B 284 -9.48 0.20 -18.72
CA MET B 284 -8.07 0.58 -18.66
C MET B 284 -7.36 0.49 -19.98
N THR B 285 -6.38 1.38 -20.19
CA THR B 285 -5.53 1.30 -21.39
C THR B 285 -4.55 0.13 -21.18
N LEU B 286 -4.01 -0.39 -22.29
CA LEU B 286 -3.08 -1.52 -22.22
C LEU B 286 -1.64 -1.04 -21.99
N PRO B 287 -0.90 -1.66 -21.03
CA PRO B 287 0.51 -1.33 -20.86
C PRO B 287 1.30 -1.78 -22.09
N ASP B 288 2.40 -1.09 -22.41
CA ASP B 288 3.24 -1.50 -23.54
C ASP B 288 3.96 -2.79 -23.15
N ALA B 289 3.36 -3.93 -23.52
CA ALA B 289 3.87 -5.28 -23.22
C ALA B 289 5.29 -5.50 -23.73
N THR B 290 5.74 -4.73 -24.75
CA THR B 290 7.10 -4.89 -25.31
C THR B 290 8.21 -4.48 -24.31
N LYS B 291 7.85 -3.87 -23.17
CA LYS B 291 8.77 -3.48 -22.10
C LYS B 291 9.08 -4.66 -21.17
N ALA B 292 8.31 -5.76 -21.29
CA ALA B 292 8.47 -6.97 -20.47
C ALA B 292 9.79 -7.73 -20.82
N PRO B 293 10.43 -8.42 -19.83
CA PRO B 293 11.69 -9.14 -20.14
C PRO B 293 11.58 -10.13 -21.30
N GLN B 294 10.35 -10.60 -21.61
CA GLN B 294 10.04 -11.55 -22.70
C GLN B 294 10.61 -11.08 -24.06
N PHE B 295 10.58 -9.78 -24.29
CA PHE B 295 10.95 -9.12 -25.54
C PHE B 295 12.45 -8.90 -25.72
N LYS B 296 13.29 -9.29 -24.71
CA LYS B 296 14.75 -9.28 -24.85
C LYS B 296 15.08 -10.27 -26.00
N TYR B 297 14.23 -11.33 -26.13
CA TYR B 297 14.39 -12.44 -27.08
C TYR B 297 13.55 -12.32 -28.33
N SER B 298 12.87 -11.17 -28.53
CA SER B 298 12.10 -10.93 -29.74
C SER B 298 12.87 -10.01 -30.66
N THR B 299 12.57 -10.06 -31.95
CA THR B 299 13.22 -9.21 -32.94
C THR B 299 12.64 -7.79 -32.83
N GLN B 300 13.41 -6.78 -33.27
CA GLN B 300 13.01 -5.36 -33.28
C GLN B 300 11.71 -5.15 -34.08
N GLU B 301 11.60 -5.82 -35.25
CA GLU B 301 10.42 -5.78 -36.12
C GLU B 301 9.15 -6.22 -35.35
N GLU B 302 9.21 -7.34 -34.61
CA GLU B 302 8.05 -7.80 -33.81
C GLU B 302 7.71 -6.78 -32.71
N ILE B 303 8.75 -6.20 -32.03
CA ILE B 303 8.57 -5.18 -30.97
C ILE B 303 7.81 -3.96 -31.49
N GLU B 304 8.27 -3.38 -32.60
CA GLU B 304 7.66 -2.19 -33.20
C GLU B 304 6.22 -2.43 -33.66
N THR B 305 5.96 -3.61 -34.25
CA THR B 305 4.61 -4.01 -34.72
C THR B 305 3.66 -4.05 -33.52
N ILE B 306 4.03 -4.76 -32.43
CA ILE B 306 3.19 -4.87 -31.24
C ILE B 306 2.96 -3.50 -30.56
N ARG B 307 4.03 -2.72 -30.39
CA ARG B 307 3.98 -1.38 -29.77
C ARG B 307 2.97 -0.46 -30.50
N ALA B 308 3.01 -0.42 -31.83
CA ALA B 308 2.11 0.40 -32.67
C ALA B 308 0.63 -0.03 -32.51
N LYS B 309 0.37 -1.35 -32.41
CA LYS B 309 -0.97 -1.91 -32.23
C LYS B 309 -1.53 -1.52 -30.87
N VAL B 310 -0.68 -1.55 -29.82
CA VAL B 310 -1.03 -1.17 -28.44
C VAL B 310 -1.45 0.31 -28.40
N LEU B 311 -0.68 1.19 -29.05
CA LEU B 311 -0.99 2.62 -29.13
C LEU B 311 -2.33 2.90 -29.82
N LYS B 312 -2.62 2.24 -30.96
CA LYS B 312 -3.88 2.42 -31.69
C LYS B 312 -5.05 1.90 -30.85
N MET B 313 -4.88 0.75 -30.18
CA MET B 313 -5.92 0.17 -29.32
C MET B 313 -6.27 1.10 -28.15
N ASN B 314 -5.23 1.72 -27.53
CA ASN B 314 -5.42 2.63 -26.40
C ASN B 314 -6.24 3.87 -26.77
N GLU B 315 -6.08 4.41 -27.98
CA GLU B 315 -6.89 5.56 -28.42
C GLU B 315 -8.36 5.14 -28.57
N PHE B 316 -8.61 3.91 -29.06
CA PHE B 316 -9.96 3.35 -29.21
C PHE B 316 -10.61 3.10 -27.83
N ILE B 317 -9.84 2.59 -26.86
CA ILE B 317 -10.33 2.36 -25.50
C ILE B 317 -10.82 3.68 -24.88
N LYS B 318 -10.06 4.77 -25.05
CA LYS B 318 -10.41 6.10 -24.54
C LYS B 318 -11.70 6.63 -25.22
N ALA B 319 -11.82 6.45 -26.57
CA ALA B 319 -13.00 6.84 -27.34
C ALA B 319 -14.23 6.07 -26.84
N GLN B 320 -14.07 4.75 -26.55
CA GLN B 320 -15.15 3.91 -26.04
C GLN B 320 -15.60 4.34 -24.65
N ALA B 321 -14.63 4.66 -23.75
CA ALA B 321 -14.95 5.17 -22.40
C ALA B 321 -15.80 6.48 -22.50
N MET B 322 -15.41 7.42 -23.38
CA MET B 322 -16.13 8.69 -23.61
C MET B 322 -17.52 8.46 -24.19
N TYR B 323 -17.65 7.51 -25.15
CA TYR B 323 -18.92 7.12 -25.79
C TYR B 323 -19.93 6.65 -24.73
N TYR B 324 -19.52 5.72 -23.83
CA TYR B 324 -20.43 5.23 -22.79
C TYR B 324 -20.68 6.29 -21.69
N LYS B 325 -19.67 7.14 -21.37
CA LYS B 325 -19.83 8.22 -20.39
C LYS B 325 -20.86 9.27 -20.91
N ALA B 326 -20.82 9.59 -22.21
CA ALA B 326 -21.76 10.55 -22.84
C ALA B 326 -23.21 10.01 -22.82
N GLN B 327 -23.38 8.69 -22.70
CA GLN B 327 -24.69 8.03 -22.66
C GLN B 327 -25.27 7.86 -21.24
N GLY B 328 -24.54 8.33 -20.23
CA GLY B 328 -24.99 8.25 -18.84
C GLY B 328 -24.50 7.04 -18.07
N TYR B 329 -23.62 6.22 -18.65
CA TYR B 329 -23.07 5.05 -17.94
C TYR B 329 -22.00 5.52 -16.95
N ASN B 330 -21.73 4.74 -15.90
CA ASN B 330 -20.69 5.07 -14.93
C ASN B 330 -19.36 4.43 -15.36
N ILE B 331 -18.44 5.25 -15.88
CA ILE B 331 -17.17 4.75 -16.40
C ILE B 331 -15.96 5.34 -15.67
N ALA B 332 -15.05 4.47 -15.21
CA ALA B 332 -13.77 4.90 -14.62
C ALA B 332 -12.71 4.44 -15.61
N LEU B 333 -11.93 5.37 -16.15
CA LEU B 333 -10.87 5.03 -17.09
C LEU B 333 -9.51 5.29 -16.44
N PHE B 334 -8.68 4.24 -16.32
CA PHE B 334 -7.33 4.35 -15.77
C PHE B 334 -6.28 4.17 -16.85
N ASP B 335 -5.32 5.10 -16.92
CA ASP B 335 -4.26 5.02 -17.92
C ASP B 335 -3.09 4.14 -17.40
N THR B 336 -3.27 2.82 -17.50
CA THR B 336 -2.26 1.82 -17.09
C THR B 336 -1.01 1.97 -17.96
N HIS B 337 -1.17 2.35 -19.25
CA HIS B 337 -0.06 2.57 -20.19
C HIS B 337 0.90 3.63 -19.66
N ALA B 338 0.38 4.81 -19.26
CA ALA B 338 1.19 5.92 -18.71
C ALA B 338 1.88 5.52 -17.41
N LEU B 339 1.19 4.78 -16.52
CA LEU B 339 1.78 4.31 -15.26
C LEU B 339 2.91 3.32 -15.52
N PHE B 340 2.70 2.38 -16.45
CA PHE B 340 3.69 1.37 -16.80
C PHE B 340 4.96 1.97 -17.43
N GLU B 341 4.83 3.06 -18.22
CA GLU B 341 5.98 3.77 -18.80
C GLU B 341 6.84 4.36 -17.65
N LYS B 342 6.19 4.90 -16.60
CA LYS B 342 6.88 5.46 -15.42
C LYS B 342 7.60 4.37 -14.61
N LEU B 343 6.93 3.22 -14.39
CA LEU B 343 7.45 2.05 -13.67
C LEU B 343 8.73 1.46 -14.27
N THR B 344 8.75 1.34 -15.60
CA THR B 344 9.86 0.72 -16.31
C THR B 344 11.00 1.68 -16.55
N SER B 345 10.74 2.99 -16.65
CA SER B 345 11.79 4.00 -16.85
C SER B 345 12.46 4.44 -15.53
N ALA B 346 11.70 4.45 -14.42
CA ALA B 346 12.22 4.86 -13.10
C ALA B 346 11.66 3.96 -11.99
N PRO B 347 12.09 2.67 -11.87
CA PRO B 347 11.53 1.81 -10.81
C PRO B 347 11.80 2.33 -9.41
N GLU B 348 12.96 3.01 -9.22
CA GLU B 348 13.43 3.57 -7.94
C GLU B 348 12.53 4.71 -7.43
N GLU B 349 11.65 5.27 -8.28
CA GLU B 349 10.73 6.32 -7.85
C GLU B 349 9.36 5.75 -7.41
N HIS B 350 9.14 4.44 -7.62
CA HIS B 350 7.86 3.78 -7.38
C HIS B 350 7.90 2.58 -6.45
N GLY B 351 8.98 2.43 -5.69
CA GLY B 351 9.13 1.37 -4.70
C GLY B 351 9.81 0.10 -5.20
N PHE B 352 10.52 0.19 -6.34
CA PHE B 352 11.13 -0.99 -6.95
C PHE B 352 12.63 -0.83 -7.21
N VAL B 353 13.38 -1.94 -7.18
CA VAL B 353 14.83 -1.93 -7.45
C VAL B 353 15.10 -2.35 -8.89
N ASN B 354 14.25 -3.23 -9.46
CA ASN B 354 14.48 -3.78 -10.80
C ASN B 354 13.19 -3.85 -11.63
N ALA B 355 13.23 -3.28 -12.84
CA ALA B 355 12.09 -3.27 -13.76
C ALA B 355 12.43 -3.97 -15.08
N SER B 356 13.66 -4.54 -15.21
CA SER B 356 14.06 -5.15 -16.49
C SER B 356 14.14 -6.69 -16.50
N ASP B 357 14.33 -7.34 -15.31
CA ASP B 357 14.43 -8.78 -15.22
C ASP B 357 13.24 -9.44 -14.48
N PRO B 358 12.89 -10.71 -14.78
CA PRO B 358 11.86 -11.38 -13.97
C PRO B 358 12.46 -11.68 -12.60
N CYS B 359 11.63 -11.81 -11.58
CA CYS B 359 12.11 -12.19 -10.26
C CYS B 359 12.60 -13.67 -10.31
N LEU B 360 11.83 -14.52 -11.03
CA LEU B 360 12.16 -15.93 -11.25
C LEU B 360 13.37 -16.03 -12.20
N ASP B 361 14.19 -17.07 -12.04
CA ASP B 361 15.39 -17.27 -12.87
C ASP B 361 15.03 -17.89 -14.23
N ILE B 362 14.28 -17.13 -15.04
CA ILE B 362 13.83 -17.52 -16.38
C ILE B 362 14.52 -16.59 -17.35
N ASN B 363 15.34 -17.17 -18.25
CA ASN B 363 16.20 -16.41 -19.15
C ASN B 363 16.00 -16.74 -20.62
N ARG B 364 14.72 -16.95 -20.99
CA ARG B 364 14.22 -17.25 -22.33
C ARG B 364 12.70 -17.00 -22.30
N SER B 365 12.05 -17.02 -23.49
CA SER B 365 10.61 -16.90 -23.60
C SER B 365 10.07 -18.16 -24.23
N SER B 366 9.50 -19.02 -23.39
CA SER B 366 8.91 -20.29 -23.79
C SER B 366 7.76 -20.60 -22.85
N SER B 367 6.57 -20.86 -23.41
CA SER B 367 5.37 -21.22 -22.66
C SER B 367 5.51 -22.54 -21.87
N VAL B 368 6.45 -23.42 -22.25
CA VAL B 368 6.66 -24.69 -21.53
C VAL B 368 7.17 -24.44 -20.11
N ASP B 369 7.82 -23.27 -19.87
CA ASP B 369 8.33 -22.88 -18.54
C ASP B 369 7.21 -22.76 -17.51
N TYR B 370 5.96 -22.51 -17.95
CA TYR B 370 4.76 -22.48 -17.07
C TYR B 370 4.43 -23.84 -16.46
N MET B 371 5.06 -24.93 -16.97
CA MET B 371 4.85 -26.29 -16.49
C MET B 371 5.80 -26.70 -15.37
N TYR B 372 6.87 -25.91 -15.16
CA TYR B 372 7.93 -26.22 -14.19
C TYR B 372 8.10 -25.28 -13.00
N THR B 373 8.88 -25.74 -12.01
CA THR B 373 9.28 -25.00 -10.82
C THR B 373 10.55 -24.23 -11.18
N HIS B 374 10.66 -22.98 -10.72
CA HIS B 374 11.83 -22.16 -10.97
C HIS B 374 12.30 -21.52 -9.67
N SER B 375 13.63 -21.37 -9.50
CA SER B 375 14.16 -20.67 -8.33
C SER B 375 14.12 -19.16 -8.64
N LEU B 376 14.25 -18.31 -7.59
CA LEU B 376 14.34 -16.86 -7.78
C LEU B 376 15.77 -16.57 -8.17
N ARG B 377 16.02 -15.59 -9.04
CA ARG B 377 17.41 -15.22 -9.35
C ARG B 377 17.95 -14.49 -8.13
N SER B 378 19.29 -14.48 -7.98
CA SER B 378 20.04 -13.92 -6.86
C SER B 378 19.56 -12.53 -6.43
N GLU B 379 19.44 -11.58 -7.40
CA GLU B 379 18.99 -10.21 -7.14
C GLU B 379 17.63 -10.16 -6.49
N CYS B 380 16.68 -11.00 -6.96
CA CYS B 380 15.34 -11.00 -6.39
C CYS B 380 15.29 -11.66 -5.02
N ALA B 381 16.05 -12.76 -4.81
CA ALA B 381 16.11 -13.38 -3.49
C ALA B 381 16.71 -12.38 -2.47
N ALA B 382 17.66 -11.53 -2.90
CA ALA B 382 18.28 -10.51 -2.05
C ALA B 382 17.33 -9.35 -1.70
N SER B 383 16.64 -8.78 -2.71
CA SER B 383 15.73 -7.66 -2.51
C SER B 383 14.36 -8.02 -1.95
N GLY B 384 13.90 -9.23 -2.27
CA GLY B 384 12.54 -9.69 -1.99
C GLY B 384 11.70 -9.44 -3.23
N ALA B 385 10.69 -10.29 -3.50
CA ALA B 385 9.82 -10.18 -4.68
C ALA B 385 9.00 -8.88 -4.76
N ASP B 386 8.77 -8.21 -3.61
CA ASP B 386 8.04 -6.94 -3.58
C ASP B 386 8.81 -5.77 -4.20
N LYS B 387 10.11 -5.97 -4.56
CA LYS B 387 10.96 -4.93 -5.16
C LYS B 387 11.22 -5.12 -6.66
N PHE B 388 10.61 -6.14 -7.25
CA PHE B 388 10.69 -6.42 -8.69
C PHE B 388 9.36 -6.08 -9.33
N VAL B 389 9.39 -5.49 -10.53
CA VAL B 389 8.18 -5.18 -11.27
C VAL B 389 7.58 -6.46 -11.85
N PHE B 390 8.45 -7.31 -12.42
CA PHE B 390 8.06 -8.56 -13.08
C PHE B 390 8.36 -9.79 -12.28
N TRP B 391 7.40 -10.73 -12.25
CA TRP B 391 7.51 -12.02 -11.60
C TRP B 391 8.17 -13.03 -12.58
N ASP B 392 7.60 -13.17 -13.78
CA ASP B 392 8.10 -14.06 -14.83
C ASP B 392 8.49 -13.19 -16.06
N VAL B 393 8.65 -13.76 -17.26
CA VAL B 393 9.10 -12.93 -18.41
C VAL B 393 8.00 -12.01 -18.93
N THR B 394 6.74 -12.24 -18.53
CA THR B 394 5.60 -11.50 -19.03
C THR B 394 4.82 -10.74 -17.98
N HIS B 395 4.50 -11.43 -16.87
CA HIS B 395 3.59 -10.98 -15.85
C HIS B 395 4.20 -10.22 -14.70
N PRO B 396 3.45 -9.25 -14.16
CA PRO B 396 3.96 -8.50 -13.02
C PRO B 396 3.84 -9.25 -11.70
N THR B 397 4.61 -8.83 -10.70
CA THR B 397 4.55 -9.36 -9.34
C THR B 397 3.27 -8.86 -8.68
N THR B 398 2.91 -9.44 -7.54
CA THR B 398 1.72 -9.03 -6.80
C THR B 398 1.88 -7.60 -6.23
N ALA B 399 3.15 -7.13 -6.00
CA ALA B 399 3.43 -5.77 -5.53
C ALA B 399 3.07 -4.78 -6.65
N THR B 400 3.37 -5.13 -7.92
CA THR B 400 2.99 -4.29 -9.07
C THR B 400 1.45 -4.27 -9.20
N HIS B 401 0.77 -5.44 -9.03
CA HIS B 401 -0.70 -5.56 -9.09
C HIS B 401 -1.35 -4.67 -8.02
N ARG B 402 -0.79 -4.68 -6.79
CA ARG B 402 -1.28 -3.90 -5.66
C ARG B 402 -1.13 -2.40 -5.96
N TYR B 403 0.03 -2.00 -6.52
CA TYR B 403 0.33 -0.61 -6.88
C TYR B 403 -0.64 -0.05 -7.94
N VAL B 404 -0.96 -0.88 -8.95
CA VAL B 404 -1.92 -0.53 -9.99
C VAL B 404 -3.31 -0.32 -9.33
N ALA B 405 -3.77 -1.28 -8.48
CA ALA B 405 -5.02 -1.14 -7.73
C ALA B 405 -5.00 0.12 -6.84
N GLU B 406 -3.88 0.41 -6.16
CA GLU B 406 -3.65 1.57 -5.27
C GLU B 406 -3.84 2.85 -6.10
N LYS B 407 -2.99 3.04 -7.15
CA LYS B 407 -3.04 4.17 -8.07
C LYS B 407 -4.44 4.39 -8.67
N MET B 408 -5.16 3.31 -9.07
CA MET B 408 -6.54 3.34 -9.58
C MET B 408 -7.48 3.99 -8.54
N LEU B 409 -7.25 3.73 -7.22
CA LEU B 409 -8.10 4.25 -6.12
C LEU B 409 -7.66 5.64 -5.57
N GLU B 410 -6.34 5.84 -5.27
CA GLU B 410 -5.78 7.09 -4.73
C GLU B 410 -6.08 8.30 -5.64
N SER B 411 -5.91 8.12 -6.96
CA SER B 411 -6.14 9.18 -7.94
C SER B 411 -7.64 9.46 -8.21
N SER B 412 -8.53 8.65 -7.62
CA SER B 412 -9.98 8.77 -7.80
C SER B 412 -10.77 8.81 -6.47
N ASN B 413 -10.09 9.20 -5.35
CA ASN B 413 -10.66 9.30 -3.99
C ASN B 413 -11.44 8.04 -3.55
N ASN B 414 -10.90 6.83 -3.87
CA ASN B 414 -11.47 5.50 -3.60
C ASN B 414 -12.89 5.25 -4.18
N LEU B 415 -12.99 5.08 -5.52
CA LEU B 415 -14.21 4.66 -6.27
C LEU B 415 -15.40 5.70 -6.34
N GLU B 416 -15.20 7.03 -6.09
CA GLU B 416 -16.37 7.93 -6.18
C GLU B 416 -16.70 8.40 -7.65
N GLU B 417 -17.07 7.42 -8.48
CA GLU B 417 -17.60 7.47 -9.85
C GLU B 417 -18.72 6.42 -9.78
N PHE B 418 -18.62 5.57 -8.75
CA PHE B 418 -19.52 4.50 -8.37
C PHE B 418 -19.90 4.73 -6.90
C1 ACD C . 14.27 14.12 2.32
C2 ACD C . 14.49 15.59 2.50
C3 ACD C . 14.99 16.04 3.88
C4 ACD C . 16.42 15.60 4.18
C5 ACD C . 16.87 15.92 5.58
C6 ACD C . 17.73 16.87 5.95
C7 ACD C . 18.48 17.82 5.06
C8 ACD C . 17.94 19.20 5.32
C9 ACD C . 18.39 20.13 6.15
C10 ACD C . 19.58 20.10 7.06
C11 ACD C . 19.38 19.29 8.32
C12 ACD C . 18.59 19.52 9.37
C13 ACD C . 17.58 20.61 9.59
C14 ACD C . 17.56 21.07 11.03
C15 ACD C . 16.89 20.58 12.05
C16 ACD C . 15.96 19.38 12.08
C17 ACD C . 14.49 19.72 12.37
C18 ACD C . 13.78 20.41 11.23
C19 ACD C . 12.28 20.54 11.39
C20 ACD C . 11.62 21.10 10.14
O1 ACD C . 14.33 13.57 1.24
O2 ACD C . 13.96 13.46 3.41
N1 1PS D . 1.85 -14.82 21.69
C1 1PS D . 2.32 -15.08 22.94
C2 1PS D . 3.13 -14.16 23.58
C3 1PS D . 2.18 -13.69 21.04
C4 1PS D . 2.98 -12.74 21.66
C5 1PS D . 3.46 -12.98 22.94
C6 1PS D . 0.84 -15.74 21.10
C7 1PS D . 1.04 -15.97 19.60
C8 1PS D . 0.06 -17.03 19.09
S1 1PS D . -0.03 -17.10 17.31
O1 1PS D . -1.02 -18.12 16.99
O2 1PS D . -0.42 -15.78 16.87
O3 1PS D . 1.30 -17.47 16.85
MG MG E . 0.35 19.80 -7.69
N1 1PS F . -16.63 -20.46 -13.73
C1 1PS F . -15.74 -19.70 -13.03
C2 1PS F . -16.17 -18.60 -12.31
C3 1PS F . -17.94 -20.15 -13.74
C4 1PS F . -18.41 -19.06 -13.03
C5 1PS F . -17.52 -18.28 -12.32
C6 1PS F . -16.14 -21.63 -14.50
C7 1PS F . -15.29 -21.22 -15.70
C8 1PS F . -16.11 -20.57 -16.83
S1 1PS F . -16.82 -21.76 -17.95
O1 1PS F . -17.77 -22.54 -17.18
O2 1PS F . -15.70 -22.55 -18.45
O3 1PS F . -17.47 -20.98 -19.00
MG MG G . -14.94 -10.39 -33.49
#